data_3HDJ
#
_entry.id   3HDJ
#
_cell.length_a   63.405
_cell.length_b   50.923
_cell.length_c   106.999
_cell.angle_alpha   90.00
_cell.angle_beta   100.98
_cell.angle_gamma   90.00
#
_symmetry.space_group_name_H-M   'P 1 21 1'
#
loop_
_entity.id
_entity.type
_entity.pdbx_description
1 polymer 'Probable ornithine cyclodeaminase'
2 non-polymer 'CHLORIDE ION'
3 non-polymer GLYCEROL
4 non-polymer IMIDAZOLE
5 water water
#
_entity_poly.entity_id   1
_entity_poly.type   'polypeptide(L)'
_entity_poly.pdbx_seq_one_letter_code
;SNA(MSE)LHIDDA(MSE)IEDAVTPQAAQEVLHAAFLDFGRGSAA(MSE)QRRVRTEAGGVKLSTLGAVIPGQGVAGAK
VYTTIKGQFQFVILLFSAADGRPLATCDAGTLTRKRTAACTVLAAGALARPRSSVLGLFGAGTQGAEHAAQLSARFALEA
ILVHDPYASPEILERIGRRCGVPAR(MSE)AAPADIAAQADIVVTATRSTTPLFAGQALRAGAFVGAIGSSLPHTRELDD
EALRRARAVVVEWREQTLSEAGDLVLAAPDTGLDAKVVELADVLAGRAAARQADEDIVIYKSVGVGLEDVALAGYAYRRL
AAQRGWPAP
;
_entity_poly.pdbx_strand_id   A,B
#
loop_
_chem_comp.id
_chem_comp.type
_chem_comp.name
_chem_comp.formula
CL non-polymer 'CHLORIDE ION' 'Cl -1'
GOL non-polymer GLYCEROL 'C3 H8 O3'
IMD non-polymer IMIDAZOLE 'C3 H5 N2 1'
#
# COMPACT_ATOMS: atom_id res chain seq x y z
N ALA A 3 -0.02 13.89 18.00
CA ALA A 3 0.86 13.56 16.85
C ALA A 3 1.61 12.23 17.07
N MSE A 4 1.73 11.46 16.02
CA MSE A 4 2.58 10.28 16.06
C MSE A 4 4.06 10.66 16.13
O MSE A 4 4.45 11.71 15.62
CB MSE A 4 2.37 9.47 14.79
CG MSE A 4 0.96 8.97 14.61
SE MSE A 4 0.90 7.70 13.10
CE MSE A 4 2.39 6.69 13.45
N LEU A 5 4.88 9.79 16.69
CA LEU A 5 6.32 10.01 16.61
C LEU A 5 6.76 10.09 15.14
N HIS A 6 7.60 11.08 14.84
CA HIS A 6 8.14 11.24 13.49
C HIS A 6 9.66 11.12 13.54
N ILE A 7 10.21 10.19 12.76
CA ILE A 7 11.65 10.06 12.65
C ILE A 7 12.09 10.84 11.41
N ASP A 8 12.88 11.88 11.60
CA ASP A 8 13.28 12.68 10.45
C ASP A 8 14.67 12.30 9.91
N ASP A 9 15.04 12.86 8.75
CA ASP A 9 16.30 12.51 8.10
C ASP A 9 17.50 12.71 9.02
N ALA A 10 17.52 13.80 9.80
CA ALA A 10 18.63 14.08 10.69
C ALA A 10 18.75 13.00 11.78
N MSE A 11 17.62 12.54 12.27
CA MSE A 11 17.62 11.42 13.22
C MSE A 11 18.16 10.14 12.62
O MSE A 11 18.98 9.47 13.25
CB MSE A 11 16.22 11.23 13.79
CG MSE A 11 15.86 12.46 14.63
SE MSE A 11 13.94 12.51 14.99
CE MSE A 11 13.79 10.91 15.94
N ILE A 12 17.76 9.86 11.39
CA ILE A 12 18.28 8.68 10.67
C ILE A 12 19.80 8.83 10.46
N GLU A 13 20.26 10.03 10.10
CA GLU A 13 21.69 10.22 9.83
CA GLU A 13 21.69 10.27 9.86
C GLU A 13 22.52 9.77 11.03
N ASP A 14 22.07 10.09 12.22
CA ASP A 14 22.78 9.77 13.44
C ASP A 14 22.53 8.35 13.94
N ALA A 15 21.34 7.82 13.69
CA ALA A 15 20.98 6.52 14.25
C ALA A 15 21.44 5.26 13.48
N VAL A 16 21.65 5.41 12.17
CA VAL A 16 21.87 4.25 11.30
C VAL A 16 23.19 4.38 10.61
N THR A 17 24.12 3.50 10.93
CA THR A 17 25.42 3.48 10.24
C THR A 17 25.26 2.61 8.99
N PRO A 18 26.13 2.81 7.99
CA PRO A 18 26.10 1.93 6.82
C PRO A 18 26.23 0.44 7.17
N GLN A 19 27.13 0.11 8.10
CA GLN A 19 27.30 -1.30 8.42
C GLN A 19 26.13 -1.90 9.17
N ALA A 20 25.50 -1.10 10.07
CA ALA A 20 24.24 -1.55 10.69
C ALA A 20 23.17 -1.77 9.60
N ALA A 21 23.08 -0.85 8.64
CA ALA A 21 22.09 -0.94 7.58
C ALA A 21 22.29 -2.26 6.81
N GLN A 22 23.54 -2.56 6.50
CA GLN A 22 23.87 -3.81 5.78
C GLN A 22 23.44 -5.06 6.58
N GLU A 23 23.68 -5.08 7.90
CA GLU A 23 23.29 -6.21 8.76
C GLU A 23 21.78 -6.40 8.81
N VAL A 24 21.08 -5.27 8.92
CA VAL A 24 19.63 -5.29 9.05
C VAL A 24 19.02 -5.76 7.76
N LEU A 25 19.53 -5.28 6.64
CA LEU A 25 18.98 -5.67 5.33
C LEU A 25 19.33 -7.10 5.02
N HIS A 26 20.54 -7.50 5.37
CA HIS A 26 20.93 -8.93 5.15
C HIS A 26 19.95 -9.83 5.89
N ALA A 27 19.68 -9.52 7.14
CA ALA A 27 18.77 -10.37 7.92
C ALA A 27 17.34 -10.40 7.37
N ALA A 28 16.86 -9.25 6.93
CA ALA A 28 15.52 -9.12 6.41
C ALA A 28 15.43 -9.93 5.11
N PHE A 29 16.44 -9.81 4.24
CA PHE A 29 16.42 -10.67 3.02
C PHE A 29 16.47 -12.18 3.31
N LEU A 30 17.21 -12.59 4.33
CA LEU A 30 17.24 -14.00 4.67
C LEU A 30 15.87 -14.46 5.16
N ASP A 31 15.21 -13.63 5.95
CA ASP A 31 13.83 -13.92 6.37
C ASP A 31 12.89 -14.03 5.17
N PHE A 32 13.04 -13.10 4.23
CA PHE A 32 12.24 -13.14 2.99
C PHE A 32 12.45 -14.46 2.19
N GLY A 33 13.71 -14.89 2.07
CA GLY A 33 14.06 -16.13 1.38
C GLY A 33 13.50 -17.36 2.06
N ARG A 34 13.35 -17.30 3.39
CA ARG A 34 12.79 -18.43 4.18
C ARG A 34 11.26 -18.40 4.20
N GLY A 35 10.67 -17.35 3.63
CA GLY A 35 9.23 -17.12 3.67
C GLY A 35 8.68 -16.63 5.01
N SER A 36 9.53 -16.11 5.89
CA SER A 36 9.05 -15.65 7.20
C SER A 36 8.84 -14.14 7.22
N ALA A 37 9.11 -13.49 6.10
CA ALA A 37 8.76 -12.10 5.86
C ALA A 37 8.15 -11.98 4.47
N ALA A 38 7.37 -10.93 4.25
CA ALA A 38 6.59 -10.82 3.01
C ALA A 38 6.62 -9.35 2.58
N MSE A 39 6.47 -9.07 1.29
CA MSE A 39 6.45 -7.69 0.78
C MSE A 39 5.23 -7.44 -0.06
O MSE A 39 4.68 -8.36 -0.68
CB MSE A 39 7.66 -7.39 -0.14
CG MSE A 39 8.97 -7.80 0.26
SE MSE A 39 10.15 -7.20 -1.18
CE MSE A 39 11.46 -8.60 -0.90
N GLN A 40 4.83 -6.17 -0.13
CA GLN A 40 3.84 -5.76 -1.10
C GLN A 40 4.58 -5.14 -2.25
N ARG A 41 4.27 -5.59 -3.45
N ARG A 41 4.28 -5.59 -3.46
CA ARG A 41 4.80 -4.95 -4.65
CA ARG A 41 4.86 -4.93 -4.62
C ARG A 41 4.39 -3.46 -4.73
C ARG A 41 4.40 -3.47 -4.74
N ARG A 42 5.19 -2.69 -5.47
CA ARG A 42 4.85 -1.28 -5.72
C ARG A 42 3.60 -1.22 -6.62
N VAL A 43 2.59 -0.46 -6.17
CA VAL A 43 1.35 -0.28 -6.90
C VAL A 43 1.18 1.23 -7.07
N ARG A 44 0.78 1.66 -8.25
CA ARG A 44 0.68 3.07 -8.62
C ARG A 44 -0.75 3.39 -9.03
N THR A 45 -1.23 4.55 -8.61
CA THR A 45 -2.55 5.03 -9.00
C THR A 45 -2.37 6.48 -9.47
N GLU A 46 -3.11 6.88 -10.50
CA GLU A 46 -2.96 8.24 -11.06
CA GLU A 46 -2.95 8.21 -11.06
C GLU A 46 -4.26 8.85 -11.55
N ALA A 47 -4.41 10.14 -11.27
CA ALA A 47 -5.48 10.93 -11.81
C ALA A 47 -5.03 12.40 -11.78
N GLY A 48 -5.44 13.16 -12.77
CA GLY A 48 -5.16 14.59 -12.85
C GLY A 48 -3.67 14.93 -12.80
N GLY A 49 -2.81 14.04 -13.31
CA GLY A 49 -1.37 14.26 -13.25
C GLY A 49 -0.73 14.04 -11.88
N VAL A 50 -1.51 13.50 -10.94
CA VAL A 50 -0.98 13.20 -9.62
C VAL A 50 -0.92 11.70 -9.47
N LYS A 51 0.25 11.15 -9.15
CA LYS A 51 0.38 9.71 -8.91
CA LYS A 51 0.40 9.71 -8.92
C LYS A 51 0.51 9.44 -7.43
N LEU A 52 -0.06 8.34 -6.97
CA LEU A 52 0.11 7.88 -5.59
C LEU A 52 0.63 6.45 -5.69
N SER A 53 1.72 6.14 -4.98
CA SER A 53 2.29 4.79 -5.00
C SER A 53 2.40 4.20 -3.62
N THR A 54 2.26 2.88 -3.49
CA THR A 54 2.46 2.28 -2.21
C THR A 54 3.30 1.00 -2.37
N LEU A 55 4.03 0.67 -1.33
CA LEU A 55 4.69 -0.64 -1.23
C LEU A 55 4.92 -0.86 0.25
N GLY A 56 5.33 -2.04 0.66
CA GLY A 56 5.60 -2.23 2.08
C GLY A 56 6.02 -3.65 2.38
N ALA A 57 5.93 -4.05 3.64
CA ALA A 57 6.43 -5.35 4.07
C ALA A 57 5.93 -5.71 5.45
N VAL A 58 5.96 -7.01 5.74
CA VAL A 58 5.68 -7.52 7.04
C VAL A 58 6.90 -8.35 7.44
N ILE A 59 7.52 -7.98 8.55
CA ILE A 59 8.82 -8.60 8.96
C ILE A 59 8.73 -8.96 10.46
N PRO A 60 8.00 -10.03 10.76
CA PRO A 60 7.73 -10.31 12.18
C PRO A 60 9.01 -10.63 12.95
N GLY A 61 9.99 -11.17 12.25
CA GLY A 61 11.30 -11.47 12.82
C GLY A 61 12.05 -10.26 13.35
N GLN A 62 11.67 -9.08 12.91
CA GLN A 62 12.26 -7.82 13.38
C GLN A 62 11.20 -6.97 14.04
N GLY A 63 10.05 -7.60 14.28
CA GLY A 63 8.96 -7.03 15.07
C GLY A 63 8.19 -5.87 14.43
N VAL A 64 8.29 -5.72 13.10
CA VAL A 64 7.71 -4.56 12.43
CA VAL A 64 7.69 -4.55 12.43
C VAL A 64 6.94 -4.91 11.14
N ALA A 65 6.02 -4.05 10.75
CA ALA A 65 5.38 -4.14 9.44
C ALA A 65 5.24 -2.66 9.06
N GLY A 66 5.12 -2.39 7.77
CA GLY A 66 5.03 -0.98 7.38
C GLY A 66 4.81 -0.82 5.90
N ALA A 67 4.64 0.45 5.51
CA ALA A 67 4.41 0.83 4.14
C ALA A 67 5.13 2.14 3.88
N LYS A 68 5.56 2.27 2.64
CA LYS A 68 6.02 3.55 2.15
C LYS A 68 4.99 4.02 1.14
N VAL A 69 4.56 5.27 1.29
CA VAL A 69 3.53 5.82 0.42
C VAL A 69 4.08 7.13 -0.10
N TYR A 70 3.87 7.41 -1.39
CA TYR A 70 4.42 8.65 -1.91
C TYR A 70 3.67 9.17 -3.10
N THR A 71 3.66 10.50 -3.24
CA THR A 71 3.11 11.12 -4.44
C THR A 71 4.21 11.34 -5.48
N THR A 72 3.83 11.30 -6.75
CA THR A 72 4.67 11.77 -7.84
C THR A 72 3.93 12.85 -8.62
N ILE A 73 4.55 14.03 -8.72
CA ILE A 73 3.98 15.11 -9.52
C ILE A 73 5.10 15.75 -10.35
N LYS A 74 4.92 15.80 -11.66
CA LYS A 74 5.97 16.32 -12.56
C LYS A 74 7.32 15.65 -12.25
N GLY A 75 7.31 14.34 -12.03
CA GLY A 75 8.54 13.56 -11.80
C GLY A 75 9.22 13.74 -10.45
N GLN A 76 8.60 14.50 -9.55
CA GLN A 76 9.11 14.68 -8.19
C GLN A 76 8.30 13.93 -7.13
N PHE A 77 9.00 13.45 -6.13
CA PHE A 77 8.42 12.48 -5.16
C PHE A 77 8.32 13.13 -3.79
N GLN A 78 7.24 12.83 -3.05
CA GLN A 78 7.18 13.18 -1.64
C GLN A 78 6.75 11.94 -0.88
N PHE A 79 7.57 11.49 0.06
CA PHE A 79 7.44 10.16 0.70
C PHE A 79 7.05 10.23 2.17
N VAL A 80 6.29 9.24 2.62
CA VAL A 80 6.07 8.99 4.05
C VAL A 80 6.22 7.46 4.25
N ILE A 81 7.02 7.07 5.24
CA ILE A 81 7.08 5.68 5.68
C ILE A 81 6.28 5.59 6.98
N LEU A 82 5.43 4.61 7.10
CA LEU A 82 4.58 4.43 8.28
C LEU A 82 4.94 3.04 8.85
N LEU A 83 5.29 2.98 10.11
CA LEU A 83 5.75 1.77 10.79
CA LEU A 83 5.74 1.76 10.80
C LEU A 83 4.68 1.29 11.79
N PHE A 84 4.45 0.00 11.84
CA PHE A 84 3.55 -0.61 12.85
C PHE A 84 4.31 -1.68 13.63
N SER A 85 3.87 -1.96 14.85
CA SER A 85 4.36 -3.13 15.62
C SER A 85 3.81 -4.44 15.04
N ALA A 86 4.66 -5.43 14.75
CA ALA A 86 4.15 -6.75 14.37
C ALA A 86 3.66 -7.54 15.58
N ALA A 87 4.05 -7.13 16.79
CA ALA A 87 3.62 -7.85 17.99
C ALA A 87 2.18 -7.55 18.35
N ASP A 88 1.75 -6.28 18.25
CA ASP A 88 0.37 -5.97 18.59
C ASP A 88 -0.36 -5.14 17.53
N GLY A 89 0.32 -4.85 16.42
CA GLY A 89 -0.35 -4.26 15.25
C GLY A 89 -0.46 -2.76 15.31
N ARG A 90 -0.04 -2.15 16.43
CA ARG A 90 -0.29 -0.72 16.63
C ARG A 90 0.65 0.17 15.79
N PRO A 91 0.19 1.36 15.36
CA PRO A 91 1.12 2.20 14.62
C PRO A 91 2.22 2.69 15.55
N LEU A 92 3.45 2.76 15.07
CA LEU A 92 4.58 3.20 15.91
C LEU A 92 5.09 4.60 15.57
N ALA A 93 5.23 4.90 14.28
CA ALA A 93 5.94 6.13 13.92
C ALA A 93 5.78 6.37 12.42
N THR A 94 5.93 7.61 12.00
CA THR A 94 6.20 7.93 10.59
C THR A 94 7.68 8.29 10.45
N CYS A 95 8.20 8.21 9.23
CA CYS A 95 9.64 8.32 9.05
C CYS A 95 9.89 9.00 7.69
N ASP A 96 10.81 9.96 7.65
CA ASP A 96 11.30 10.49 6.39
C ASP A 96 12.00 9.40 5.56
N ALA A 97 12.00 9.57 4.25
CA ALA A 97 12.59 8.55 3.39
C ALA A 97 13.94 8.93 2.79
N GLY A 98 14.30 10.20 2.82
CA GLY A 98 15.49 10.70 2.06
C GLY A 98 16.81 10.06 2.49
N THR A 99 17.18 10.28 3.74
CA THR A 99 18.47 9.76 4.23
C THR A 99 18.44 8.24 4.31
N LEU A 100 17.28 7.71 4.72
CA LEU A 100 17.11 6.27 4.85
CA LEU A 100 17.08 6.28 4.83
C LEU A 100 17.37 5.60 3.50
N THR A 101 16.79 6.17 2.43
CA THR A 101 16.94 5.63 1.07
C THR A 101 18.38 5.75 0.59
N ARG A 102 19.05 6.84 0.96
CA ARG A 102 20.44 6.98 0.56
C ARG A 102 21.27 5.85 1.16
N LYS A 103 21.12 5.65 2.45
CA LYS A 103 21.88 4.59 3.14
C LYS A 103 21.49 3.20 2.64
N ARG A 104 20.18 2.99 2.47
CA ARG A 104 19.63 1.70 2.09
C ARG A 104 20.14 1.27 0.71
N THR A 105 20.12 2.17 -0.26
CA THR A 105 20.48 1.82 -1.64
C THR A 105 21.93 1.37 -1.71
N ALA A 106 22.83 2.14 -1.09
CA ALA A 106 24.24 1.75 -1.04
C ALA A 106 24.50 0.48 -0.23
N ALA A 107 23.77 0.32 0.87
CA ALA A 107 23.92 -0.90 1.71
C ALA A 107 23.52 -2.13 0.91
N CYS A 108 22.43 -2.05 0.12
CA CYS A 108 22.04 -3.24 -0.67
C CYS A 108 23.06 -3.52 -1.76
N THR A 109 23.61 -2.45 -2.37
CA THR A 109 24.62 -2.61 -3.41
C THR A 109 25.85 -3.27 -2.78
N VAL A 110 26.23 -2.82 -1.59
CA VAL A 110 27.36 -3.45 -0.90
C VAL A 110 27.12 -4.93 -0.59
N LEU A 111 25.89 -5.27 -0.19
CA LEU A 111 25.58 -6.65 0.13
C LEU A 111 25.77 -7.49 -1.14
N ALA A 112 25.25 -6.97 -2.26
CA ALA A 112 25.34 -7.68 -3.55
C ALA A 112 26.77 -7.75 -4.08
N ALA A 113 27.48 -6.62 -4.06
CA ALA A 113 28.89 -6.65 -4.51
C ALA A 113 29.78 -7.53 -3.63
N GLY A 114 29.56 -7.49 -2.33
CA GLY A 114 30.32 -8.33 -1.38
C GLY A 114 30.21 -9.79 -1.78
N ALA A 115 29.02 -10.20 -2.22
CA ALA A 115 28.80 -11.59 -2.63
C ALA A 115 29.25 -11.91 -4.07
N LEU A 116 29.19 -10.92 -4.97
CA LEU A 116 29.28 -11.20 -6.40
C LEU A 116 30.41 -10.52 -7.17
N ALA A 117 30.96 -9.43 -6.65
CA ALA A 117 32.12 -8.81 -7.28
C ALA A 117 33.39 -9.59 -6.96
N ARG A 118 34.43 -9.38 -7.76
CA ARG A 118 35.70 -10.03 -7.47
C ARG A 118 36.21 -9.55 -6.11
N PRO A 119 36.61 -10.46 -5.22
CA PRO A 119 37.09 -10.01 -3.92
C PRO A 119 38.20 -8.97 -3.97
N ARG A 120 39.08 -9.06 -4.94
CA ARG A 120 40.18 -8.11 -5.00
C ARG A 120 39.87 -6.91 -5.90
N SER A 121 38.60 -6.66 -6.21
CA SER A 121 38.23 -5.43 -6.95
C SER A 121 38.94 -4.21 -6.37
N SER A 122 39.51 -3.39 -7.25
CA SER A 122 40.29 -2.23 -6.83
C SER A 122 39.92 -0.93 -7.53
N VAL A 123 39.17 -1.05 -8.62
CA VAL A 123 38.70 0.14 -9.38
C VAL A 123 37.17 0.21 -9.36
N LEU A 124 36.64 1.30 -8.81
CA LEU A 124 35.22 1.58 -8.81
C LEU A 124 34.87 2.63 -9.87
N GLY A 125 33.89 2.35 -10.72
CA GLY A 125 33.37 3.35 -11.66
C GLY A 125 32.03 3.87 -11.19
N LEU A 126 31.81 5.18 -11.32
CA LEU A 126 30.60 5.80 -10.80
C LEU A 126 30.01 6.62 -11.93
N PHE A 127 28.76 6.35 -12.31
CA PHE A 127 28.00 7.22 -13.21
C PHE A 127 27.02 7.94 -12.33
N GLY A 128 27.32 9.22 -12.07
CA GLY A 128 26.53 10.02 -11.15
C GLY A 128 27.25 10.13 -9.83
N ALA A 129 27.60 11.34 -9.44
CA ALA A 129 28.37 11.57 -8.24
C ALA A 129 27.71 12.59 -7.33
N GLY A 130 26.39 12.63 -7.37
CA GLY A 130 25.62 13.36 -6.36
C GLY A 130 25.59 12.55 -5.07
N THR A 131 24.66 12.86 -4.18
CA THR A 131 24.64 12.19 -2.87
C THR A 131 24.55 10.66 -2.92
N GLN A 132 23.78 10.08 -3.86
CA GLN A 132 23.69 8.62 -3.93
CA GLN A 132 23.66 8.62 -3.96
C GLN A 132 24.98 8.01 -4.45
N GLY A 133 25.55 8.58 -5.52
CA GLY A 133 26.89 8.13 -5.96
C GLY A 133 27.95 8.20 -4.88
N ALA A 134 28.04 9.33 -4.20
CA ALA A 134 29.01 9.48 -3.12
C ALA A 134 28.80 8.47 -1.99
N GLU A 135 27.54 8.17 -1.66
CA GLU A 135 27.26 7.17 -0.61
C GLU A 135 27.75 5.79 -1.04
N HIS A 136 27.45 5.40 -2.28
CA HIS A 136 28.02 4.18 -2.84
C HIS A 136 29.54 4.13 -2.78
N ALA A 137 30.20 5.23 -3.14
CA ALA A 137 31.67 5.26 -3.06
C ALA A 137 32.17 5.04 -1.60
N ALA A 138 31.55 5.72 -0.64
CA ALA A 138 31.95 5.59 0.76
C ALA A 138 31.75 4.15 1.28
N GLN A 139 30.56 3.60 1.09
CA GLN A 139 30.27 2.26 1.57
C GLN A 139 31.09 1.17 0.86
N LEU A 140 31.27 1.29 -0.45
CA LEU A 140 32.07 0.31 -1.17
C LEU A 140 33.55 0.43 -0.82
N SER A 141 34.03 1.65 -0.57
CA SER A 141 35.44 1.80 -0.20
C SER A 141 35.76 1.14 1.13
N ALA A 142 34.74 1.01 1.99
CA ALA A 142 34.88 0.36 3.29
C ALA A 142 34.90 -1.14 3.14
N ARG A 143 34.31 -1.66 2.06
CA ARG A 143 34.13 -3.07 1.84
C ARG A 143 35.25 -3.68 0.98
N PHE A 144 35.79 -2.88 0.06
CA PHE A 144 36.84 -3.31 -0.87
C PHE A 144 38.11 -2.46 -0.69
N ALA A 145 39.26 -3.04 -1.00
CA ALA A 145 40.53 -2.28 -0.99
C ALA A 145 40.66 -1.53 -2.31
N LEU A 146 39.92 -0.42 -2.44
CA LEU A 146 39.89 0.32 -3.70
C LEU A 146 41.13 1.18 -3.83
N GLU A 147 41.62 1.28 -5.06
CA GLU A 147 42.77 2.13 -5.36
C GLU A 147 42.44 3.33 -6.25
N ALA A 148 41.28 3.30 -6.90
CA ALA A 148 40.82 4.47 -7.67
C ALA A 148 39.32 4.47 -7.78
N ILE A 149 38.78 5.68 -7.86
CA ILE A 149 37.38 5.87 -8.16
C ILE A 149 37.34 6.73 -9.41
N LEU A 150 36.66 6.22 -10.44
CA LEU A 150 36.53 6.92 -11.71
C LEU A 150 35.12 7.43 -11.77
N VAL A 151 34.97 8.71 -12.11
CA VAL A 151 33.67 9.35 -12.06
C VAL A 151 33.26 9.91 -13.42
N HIS A 152 32.01 9.65 -13.78
CA HIS A 152 31.37 10.36 -14.88
C HIS A 152 30.11 11.06 -14.37
N ASP A 153 30.13 12.40 -14.39
CA ASP A 153 29.01 13.21 -13.99
C ASP A 153 29.33 14.63 -14.46
N PRO A 154 28.54 15.18 -15.41
CA PRO A 154 28.83 16.54 -15.86
C PRO A 154 28.76 17.60 -14.75
N TYR A 155 28.14 17.29 -13.62
CA TYR A 155 28.03 18.24 -12.51
C TYR A 155 29.05 18.04 -11.38
N ALA A 156 29.92 17.06 -11.51
CA ALA A 156 30.99 16.87 -10.54
C ALA A 156 31.98 18.04 -10.75
N SER A 157 32.56 18.52 -9.67
CA SER A 157 33.54 19.59 -9.72
C SER A 157 34.81 19.07 -9.08
N PRO A 158 35.98 19.71 -9.35
CA PRO A 158 37.20 19.20 -8.73
C PRO A 158 37.06 19.11 -7.20
N GLU A 159 36.27 20.01 -6.65
CA GLU A 159 35.96 20.08 -5.23
C GLU A 159 35.09 18.91 -4.73
N ILE A 160 34.13 18.50 -5.55
CA ILE A 160 33.32 17.31 -5.23
C ILE A 160 34.20 16.06 -5.25
N LEU A 161 35.08 15.95 -6.24
CA LEU A 161 36.00 14.82 -6.33
C LEU A 161 36.95 14.74 -5.15
N GLU A 162 37.48 15.88 -4.70
CA GLU A 162 38.37 15.87 -3.55
C GLU A 162 37.57 15.50 -2.29
N ARG A 163 36.32 15.97 -2.21
CA ARG A 163 35.44 15.65 -1.09
CA ARG A 163 35.48 15.65 -1.06
C ARG A 163 35.22 14.14 -1.01
N ILE A 164 34.86 13.54 -2.14
CA ILE A 164 34.57 12.12 -2.18
C ILE A 164 35.85 11.34 -1.90
N GLY A 165 36.94 11.76 -2.54
CA GLY A 165 38.24 11.14 -2.31
C GLY A 165 38.63 11.12 -0.86
N ARG A 166 38.50 12.27 -0.19
CA ARG A 166 38.84 12.37 1.24
C ARG A 166 37.94 11.48 2.08
N ARG A 167 36.63 11.49 1.78
CA ARG A 167 35.66 10.67 2.50
C ARG A 167 35.99 9.16 2.41
N CYS A 168 36.34 8.72 1.21
CA CYS A 168 36.65 7.30 0.95
C CYS A 168 38.07 6.87 1.30
N GLY A 169 39.01 7.82 1.24
CA GLY A 169 40.43 7.50 1.39
C GLY A 169 40.97 6.86 0.12
N VAL A 170 40.40 7.23 -1.02
CA VAL A 170 40.76 6.66 -2.31
C VAL A 170 40.75 7.82 -3.31
N PRO A 171 41.82 7.95 -4.13
CA PRO A 171 41.76 9.06 -5.09
C PRO A 171 40.63 8.88 -6.14
N ALA A 172 39.87 9.95 -6.34
CA ALA A 172 38.77 9.96 -7.30
C ALA A 172 39.18 10.85 -8.46
N ARG A 173 38.77 10.49 -9.67
CA ARG A 173 39.06 11.32 -10.84
C ARG A 173 38.03 11.12 -11.95
N MSE A 174 37.85 12.15 -12.78
CA MSE A 174 36.97 12.05 -13.93
C MSE A 174 37.51 11.08 -14.97
O MSE A 174 38.72 10.94 -15.14
CB MSE A 174 36.79 13.42 -14.60
CG MSE A 174 36.40 14.55 -13.68
SE MSE A 174 34.71 14.25 -12.72
CE MSE A 174 33.46 14.14 -14.23
N ALA A 175 36.59 10.43 -15.69
CA ALA A 175 36.94 9.55 -16.79
C ALA A 175 35.75 9.46 -17.75
N ALA A 176 36.04 9.22 -19.03
CA ALA A 176 34.98 9.09 -20.03
C ALA A 176 34.25 7.76 -19.86
N PRO A 177 32.95 7.71 -20.22
CA PRO A 177 32.10 6.53 -20.04
C PRO A 177 32.72 5.22 -20.57
N ALA A 178 33.28 5.26 -21.77
CA ALA A 178 33.96 4.08 -22.33
C ALA A 178 35.17 3.67 -21.51
N ASP A 179 35.85 4.64 -20.88
CA ASP A 179 37.04 4.33 -20.09
C ASP A 179 36.66 3.73 -18.72
N ILE A 180 35.55 4.21 -18.15
CA ILE A 180 35.06 3.64 -16.91
C ILE A 180 34.69 2.17 -17.11
N ALA A 181 33.93 1.89 -18.17
CA ALA A 181 33.44 0.56 -18.44
C ALA A 181 34.58 -0.42 -18.64
N ALA A 182 35.65 0.05 -19.28
CA ALA A 182 36.77 -0.82 -19.57
C ALA A 182 37.69 -1.07 -18.37
N GLN A 183 37.79 -0.11 -17.46
CA GLN A 183 38.76 -0.23 -16.36
C GLN A 183 38.19 -0.70 -15.01
N ALA A 184 36.89 -0.51 -14.80
CA ALA A 184 36.31 -0.70 -13.47
C ALA A 184 35.93 -2.15 -13.17
N ASP A 185 36.29 -2.59 -11.97
CA ASP A 185 35.85 -3.89 -11.43
C ASP A 185 34.43 -3.87 -10.89
N ILE A 186 34.02 -2.71 -10.41
CA ILE A 186 32.68 -2.49 -9.89
C ILE A 186 32.19 -1.18 -10.53
N VAL A 187 31.01 -1.22 -11.15
CA VAL A 187 30.41 -0.05 -11.80
C VAL A 187 29.07 0.19 -11.13
N VAL A 188 28.84 1.40 -10.65
CA VAL A 188 27.53 1.76 -10.12
C VAL A 188 26.96 2.89 -10.95
N THR A 189 25.72 2.71 -11.39
CA THR A 189 25.06 3.70 -12.26
C THR A 189 23.84 4.24 -11.54
N ALA A 190 23.83 5.55 -11.33
CA ALA A 190 22.87 6.16 -10.46
C ALA A 190 22.39 7.42 -11.18
N THR A 191 21.64 7.22 -12.26
CA THR A 191 21.20 8.31 -13.16
C THR A 191 19.72 8.16 -13.55
N ARG A 192 19.14 9.24 -14.08
CA ARG A 192 17.80 9.21 -14.67
C ARG A 192 17.90 9.05 -16.18
N SER A 193 18.96 8.39 -16.63
CA SER A 193 19.16 8.13 -18.05
C SER A 193 18.02 7.31 -18.64
N THR A 194 17.72 7.56 -19.92
CA THR A 194 16.72 6.78 -20.63
C THR A 194 17.38 5.98 -21.76
N THR A 195 18.70 6.10 -21.89
CA THR A 195 19.45 5.34 -22.88
C THR A 195 20.67 4.71 -22.21
N PRO A 196 21.28 3.68 -22.84
CA PRO A 196 22.40 3.02 -22.18
C PRO A 196 23.60 3.93 -21.95
N LEU A 197 24.23 3.81 -20.76
CA LEU A 197 25.37 4.67 -20.37
C LEU A 197 26.70 4.32 -21.02
N PHE A 198 26.82 3.08 -21.46
CA PHE A 198 28.02 2.60 -22.13
C PHE A 198 27.62 1.38 -22.89
N ALA A 199 28.45 0.97 -23.85
CA ALA A 199 28.24 -0.26 -24.61
C ALA A 199 28.53 -1.47 -23.74
N GLY A 200 27.63 -2.44 -23.77
CA GLY A 200 27.82 -3.71 -23.03
C GLY A 200 29.15 -4.34 -23.39
N GLN A 201 29.51 -4.23 -24.66
CA GLN A 201 30.78 -4.69 -25.18
C GLN A 201 31.99 -4.18 -24.40
N ALA A 202 31.88 -2.97 -23.86
CA ALA A 202 33.02 -2.31 -23.21
C ALA A 202 33.31 -2.80 -21.79
N LEU A 203 32.36 -3.50 -21.17
CA LEU A 203 32.53 -3.96 -19.78
C LEU A 203 33.74 -4.86 -19.59
N ARG A 204 34.48 -4.56 -18.54
CA ARG A 204 35.63 -5.36 -18.12
CA ARG A 204 35.63 -5.35 -18.10
C ARG A 204 35.23 -6.79 -17.78
N ALA A 205 36.06 -7.76 -18.16
CA ALA A 205 35.83 -9.16 -17.75
C ALA A 205 35.85 -9.21 -16.23
N GLY A 206 34.89 -9.91 -15.63
CA GLY A 206 34.82 -10.03 -14.18
C GLY A 206 33.96 -8.97 -13.48
N ALA A 207 33.54 -7.95 -14.23
CA ALA A 207 32.90 -6.78 -13.62
C ALA A 207 31.57 -7.09 -12.92
N PHE A 208 31.34 -6.37 -11.84
CA PHE A 208 30.03 -6.33 -11.18
C PHE A 208 29.43 -4.97 -11.50
N VAL A 209 28.20 -4.95 -12.03
CA VAL A 209 27.49 -3.70 -12.28
C VAL A 209 26.28 -3.58 -11.32
N GLY A 210 26.20 -2.46 -10.60
CA GLY A 210 25.07 -2.16 -9.72
C GLY A 210 24.29 -1.05 -10.42
N ALA A 211 23.21 -1.45 -11.08
CA ALA A 211 22.37 -0.57 -11.88
C ALA A 211 21.25 -0.05 -10.99
N ILE A 212 21.44 1.16 -10.49
CA ILE A 212 20.50 1.75 -9.55
C ILE A 212 19.44 2.56 -10.29
N GLY A 213 19.89 3.43 -11.18
CA GLY A 213 18.99 4.16 -12.10
C GLY A 213 17.86 4.89 -11.40
N SER A 214 16.66 4.80 -11.97
CA SER A 214 15.54 5.61 -11.49
C SER A 214 14.26 4.81 -11.49
N SER A 215 13.32 5.21 -10.62
CA SER A 215 11.97 4.66 -10.55
C SER A 215 11.03 5.17 -11.64
N LEU A 216 11.43 6.27 -12.29
CA LEU A 216 10.55 6.97 -13.23
C LEU A 216 10.35 6.14 -14.49
N PRO A 217 9.17 6.24 -15.11
CA PRO A 217 8.94 5.55 -16.40
C PRO A 217 10.00 5.87 -17.48
N HIS A 218 10.33 4.87 -18.30
CA HIS A 218 11.19 5.01 -19.49
C HIS A 218 12.68 5.11 -19.20
N THR A 219 13.05 5.06 -17.92
CA THR A 219 14.45 5.14 -17.55
C THR A 219 15.11 3.74 -17.66
N ARG A 220 16.33 3.74 -18.16
CA ARG A 220 17.16 2.53 -18.27
C ARG A 220 18.60 2.96 -18.48
N GLU A 221 19.54 2.13 -18.03
CA GLU A 221 20.94 2.48 -18.06
C GLU A 221 21.82 1.48 -18.82
N LEU A 222 21.35 0.23 -18.93
CA LEU A 222 22.14 -0.83 -19.56
C LEU A 222 21.55 -1.25 -20.89
N ASP A 223 22.40 -1.62 -21.85
CA ASP A 223 21.91 -2.13 -23.12
C ASP A 223 21.73 -3.64 -23.08
N ASP A 224 21.04 -4.17 -24.10
CA ASP A 224 20.81 -5.60 -24.25
C ASP A 224 22.09 -6.40 -24.22
N GLU A 225 23.18 -5.86 -24.79
CA GLU A 225 24.47 -6.56 -24.82
C GLU A 225 25.03 -6.85 -23.43
N ALA A 226 24.93 -5.89 -22.52
CA ALA A 226 25.42 -6.09 -21.15
C ALA A 226 24.64 -7.23 -20.50
N LEU A 227 23.33 -7.27 -20.74
CA LEU A 227 22.46 -8.27 -20.13
C LEU A 227 22.71 -9.63 -20.75
N ARG A 228 22.95 -9.64 -22.07
CA ARG A 228 23.30 -10.86 -22.77
C ARG A 228 24.64 -11.41 -22.27
N ARG A 229 25.63 -10.53 -22.07
CA ARG A 229 26.97 -10.93 -21.62
C ARG A 229 27.02 -11.45 -20.17
N ALA A 230 26.13 -10.93 -19.32
CA ALA A 230 26.12 -11.25 -17.89
C ALA A 230 25.94 -12.73 -17.61
N ARG A 231 26.70 -13.27 -16.66
CA ARG A 231 26.47 -14.62 -16.17
C ARG A 231 25.13 -14.68 -15.43
N ALA A 232 24.82 -13.66 -14.63
CA ALA A 232 23.61 -13.61 -13.81
C ALA A 232 23.17 -12.17 -13.64
N VAL A 233 21.87 -11.97 -13.46
CA VAL A 233 21.26 -10.66 -13.19
C VAL A 233 20.53 -10.85 -11.89
N VAL A 234 21.01 -10.15 -10.87
CA VAL A 234 20.52 -10.33 -9.51
C VAL A 234 19.48 -9.28 -9.27
N VAL A 235 18.33 -9.69 -8.76
CA VAL A 235 17.23 -8.77 -8.47
C VAL A 235 16.76 -8.94 -7.01
N GLU A 236 16.04 -7.93 -6.49
CA GLU A 236 15.56 -8.00 -5.09
C GLU A 236 14.40 -8.99 -4.95
N TRP A 237 13.59 -9.09 -5.98
CA TRP A 237 12.40 -9.92 -5.91
C TRP A 237 11.92 -10.26 -7.32
N ARG A 238 12.01 -11.54 -7.69
CA ARG A 238 11.49 -12.06 -8.99
C ARG A 238 10.22 -11.31 -9.46
N GLU A 239 9.17 -11.38 -8.64
CA GLU A 239 7.88 -10.74 -8.89
C GLU A 239 8.01 -9.31 -9.42
N GLN A 240 8.33 -8.39 -8.51
CA GLN A 240 8.31 -6.94 -8.82
C GLN A 240 9.36 -6.48 -9.83
N THR A 241 10.62 -6.83 -9.60
CA THR A 241 11.72 -6.30 -10.41
C THR A 241 11.60 -6.67 -11.91
N LEU A 242 10.94 -7.79 -12.21
CA LEU A 242 10.70 -8.18 -13.61
C LEU A 242 9.56 -7.42 -14.32
N SER A 243 8.68 -6.78 -13.53
CA SER A 243 7.66 -5.87 -14.07
C SER A 243 8.27 -4.47 -14.13
N GLU A 244 8.62 -3.98 -12.94
CA GLU A 244 8.99 -2.59 -12.68
C GLU A 244 10.05 -1.97 -13.60
N ALA A 245 11.28 -2.50 -13.53
CA ALA A 245 12.46 -1.96 -14.20
C ALA A 245 12.28 -1.85 -15.72
N GLY A 246 12.72 -0.72 -16.27
CA GLY A 246 12.65 -0.44 -17.69
C GLY A 246 13.50 -1.41 -18.51
N ASP A 247 14.73 -1.62 -18.06
CA ASP A 247 15.67 -2.47 -18.79
C ASP A 247 15.28 -3.95 -18.85
N LEU A 248 14.89 -4.51 -17.70
N LEU A 248 14.90 -4.52 -17.71
CA LEU A 248 14.53 -5.93 -17.61
CA LEU A 248 14.54 -5.94 -17.65
C LEU A 248 13.25 -6.25 -18.40
C LEU A 248 13.24 -6.26 -18.39
N VAL A 249 12.27 -5.35 -18.34
CA VAL A 249 11.01 -5.53 -19.06
C VAL A 249 11.24 -5.44 -20.58
N LEU A 250 12.19 -4.59 -20.99
CA LEU A 250 12.47 -4.35 -22.41
C LEU A 250 13.28 -5.47 -23.09
N ALA A 251 14.16 -6.13 -22.32
CA ALA A 251 15.08 -7.14 -22.86
C ALA A 251 14.42 -8.22 -23.71
N ALA A 252 14.81 -8.29 -24.98
CA ALA A 252 14.28 -9.26 -25.95
C ALA A 252 14.66 -10.70 -25.57
N PRO A 253 13.92 -11.70 -26.09
CA PRO A 253 14.24 -13.10 -25.74
C PRO A 253 15.70 -13.52 -26.02
N ASP A 254 16.42 -12.69 -26.78
CA ASP A 254 17.83 -12.93 -27.15
C ASP A 254 18.80 -12.92 -25.94
N THR A 255 18.58 -12.01 -24.99
CA THR A 255 19.45 -11.87 -23.81
C THR A 255 19.56 -13.14 -22.97
N GLY A 256 18.52 -13.98 -23.04
CA GLY A 256 18.37 -15.13 -22.17
C GLY A 256 18.19 -14.70 -20.72
N LEU A 257 17.83 -13.43 -20.56
CA LEU A 257 17.68 -12.77 -19.26
C LEU A 257 16.90 -13.64 -18.28
N ASP A 258 15.74 -14.10 -18.73
CA ASP A 258 14.84 -14.93 -17.95
C ASP A 258 15.55 -15.96 -17.07
N ALA A 259 16.28 -16.87 -17.73
CA ALA A 259 16.92 -18.02 -17.07
C ALA A 259 18.14 -17.65 -16.20
N LYS A 260 18.60 -16.41 -16.32
CA LYS A 260 19.80 -15.99 -15.60
C LYS A 260 19.47 -15.02 -14.46
N VAL A 261 18.19 -14.70 -14.29
CA VAL A 261 17.78 -13.88 -13.15
C VAL A 261 17.86 -14.70 -11.86
N VAL A 262 18.43 -14.11 -10.81
CA VAL A 262 18.54 -14.80 -9.54
C VAL A 262 18.15 -13.79 -8.45
N GLU A 263 17.64 -14.28 -7.34
CA GLU A 263 17.16 -13.40 -6.27
C GLU A 263 18.22 -13.12 -5.24
N LEU A 264 18.23 -11.88 -4.76
CA LEU A 264 19.20 -11.45 -3.77
C LEU A 264 19.21 -12.33 -2.53
N ALA A 265 18.05 -12.69 -1.98
CA ALA A 265 18.01 -13.56 -0.83
C ALA A 265 18.77 -14.87 -1.08
N ASP A 266 18.63 -15.45 -2.28
CA ASP A 266 19.36 -16.70 -2.58
C ASP A 266 20.88 -16.49 -2.66
N VAL A 267 21.32 -15.33 -3.17
CA VAL A 267 22.72 -14.98 -3.18
C VAL A 267 23.24 -14.85 -1.74
N LEU A 268 22.55 -14.04 -0.95
CA LEU A 268 22.99 -13.83 0.44
C LEU A 268 22.96 -15.09 1.31
N ALA A 269 22.02 -16.00 1.03
CA ALA A 269 21.90 -17.28 1.73
C ALA A 269 22.93 -18.30 1.29
N GLY A 270 23.66 -17.96 0.23
CA GLY A 270 24.64 -18.89 -0.35
C GLY A 270 24.01 -20.06 -1.04
N ARG A 271 22.85 -19.84 -1.66
CA ARG A 271 22.14 -20.86 -2.42
C ARG A 271 22.31 -20.70 -3.95
N ALA A 272 22.70 -19.52 -4.40
CA ALA A 272 22.65 -19.23 -5.86
C ALA A 272 23.86 -19.67 -6.67
N ALA A 273 25.03 -19.69 -6.04
CA ALA A 273 26.31 -19.94 -6.74
C ALA A 273 26.34 -19.16 -8.06
N ALA A 274 26.10 -17.84 -7.98
CA ALA A 274 25.94 -17.05 -9.21
C ALA A 274 27.26 -16.91 -9.99
N ARG A 275 28.39 -16.69 -9.32
CA ARG A 275 29.65 -16.55 -10.05
C ARG A 275 30.32 -17.92 -10.18
N GLN A 276 30.54 -18.33 -11.42
CA GLN A 276 31.19 -19.62 -11.77
C GLN A 276 32.70 -19.47 -11.96
N ALA A 277 33.12 -18.28 -12.38
CA ALA A 277 34.46 -18.05 -12.88
C ALA A 277 34.84 -16.60 -12.69
N ASP A 278 36.14 -16.36 -12.61
CA ASP A 278 36.68 -15.02 -12.47
C ASP A 278 36.25 -14.07 -13.59
N GLU A 279 36.00 -14.63 -14.78
CA GLU A 279 35.69 -13.82 -15.96
C GLU A 279 34.26 -13.30 -15.97
N ASP A 280 33.40 -13.90 -15.14
CA ASP A 280 31.96 -13.64 -15.23
C ASP A 280 31.64 -12.19 -14.95
N ILE A 281 30.75 -11.63 -15.78
CA ILE A 281 30.06 -10.38 -15.47
C ILE A 281 28.77 -10.64 -14.68
N VAL A 282 28.57 -9.88 -13.61
CA VAL A 282 27.35 -10.00 -12.81
C VAL A 282 26.70 -8.63 -12.77
N ILE A 283 25.39 -8.60 -13.01
CA ILE A 283 24.61 -7.35 -12.93
C ILE A 283 23.62 -7.47 -11.77
N TYR A 284 23.58 -6.45 -10.93
CA TYR A 284 22.60 -6.34 -9.87
C TYR A 284 21.71 -5.13 -10.24
N LYS A 285 20.39 -5.36 -10.30
CA LYS A 285 19.44 -4.32 -10.71
C LYS A 285 18.64 -3.97 -9.46
N SER A 286 18.76 -2.72 -9.00
CA SER A 286 18.08 -2.29 -7.81
C SER A 286 16.82 -1.51 -8.20
N VAL A 287 15.68 -1.86 -7.61
CA VAL A 287 14.48 -1.03 -7.74
C VAL A 287 14.02 -0.43 -6.43
N GLY A 288 14.48 -0.99 -5.32
CA GLY A 288 13.92 -0.63 -4.02
C GLY A 288 12.66 -1.45 -3.90
N VAL A 289 12.59 -2.26 -2.87
CA VAL A 289 11.41 -3.08 -2.67
C VAL A 289 11.01 -2.79 -1.26
N GLY A 290 9.78 -3.14 -0.90
CA GLY A 290 9.23 -2.61 0.38
C GLY A 290 9.91 -3.17 1.61
N LEU A 291 10.51 -4.37 1.45
CA LEU A 291 11.23 -4.97 2.55
C LEU A 291 12.27 -4.00 3.10
N GLU A 292 12.95 -3.26 2.23
CA GLU A 292 14.18 -2.59 2.65
C GLU A 292 13.93 -1.37 3.51
N ASP A 293 13.02 -0.53 3.04
CA ASP A 293 12.52 0.67 3.75
CA ASP A 293 12.77 0.66 3.81
C ASP A 293 11.99 0.35 5.12
N VAL A 294 11.11 -0.63 5.17
CA VAL A 294 10.47 -1.04 6.42
C VAL A 294 11.51 -1.57 7.41
N ALA A 295 12.39 -2.48 6.94
CA ALA A 295 13.44 -3.02 7.81
C ALA A 295 14.32 -1.90 8.41
N LEU A 296 14.74 -0.92 7.59
CA LEU A 296 15.67 0.08 8.10
CA LEU A 296 15.65 0.11 8.10
C LEU A 296 14.96 1.09 9.03
N ALA A 297 13.71 1.44 8.68
CA ALA A 297 12.93 2.34 9.51
C ALA A 297 12.65 1.65 10.84
N GLY A 298 12.43 0.34 10.84
CA GLY A 298 12.18 -0.39 12.09
C GLY A 298 13.40 -0.43 13.01
N TYR A 299 14.56 -0.65 12.41
CA TYR A 299 15.83 -0.64 13.14
C TYR A 299 16.06 0.76 13.73
N ALA A 300 15.84 1.80 12.92
CA ALA A 300 15.99 3.18 13.43
C ALA A 300 15.04 3.44 14.59
N TYR A 301 13.78 2.99 14.46
CA TYR A 301 12.80 3.16 15.51
C TYR A 301 13.33 2.49 16.80
N ARG A 302 13.80 1.25 16.68
CA ARG A 302 14.23 0.48 17.85
CA ARG A 302 14.22 0.47 17.86
C ARG A 302 15.40 1.14 18.53
N ARG A 303 16.35 1.61 17.71
CA ARG A 303 17.52 2.30 18.25
CA ARG A 303 17.54 2.34 18.20
C ARG A 303 17.16 3.63 18.88
N LEU A 304 16.31 4.42 18.21
CA LEU A 304 15.94 5.72 18.79
C LEU A 304 15.10 5.52 20.05
N ALA A 305 14.22 4.52 20.04
CA ALA A 305 13.39 4.21 21.21
C ALA A 305 14.24 3.93 22.46
N ALA A 306 15.24 3.06 22.30
CA ALA A 306 16.17 2.72 23.40
C ALA A 306 16.87 3.94 23.90
N GLN A 307 17.27 4.80 22.98
CA GLN A 307 17.96 6.06 23.29
CA GLN A 307 17.97 6.05 23.32
C GLN A 307 17.05 7.08 24.00
N ARG A 308 15.78 7.11 23.62
CA ARG A 308 14.86 8.18 24.04
C ARG A 308 13.71 7.78 24.97
N GLY A 309 13.65 6.51 25.33
CA GLY A 309 12.57 6.02 26.17
C GLY A 309 11.22 5.95 25.47
N TRP A 310 11.21 5.71 24.15
CA TRP A 310 9.96 5.45 23.42
C TRP A 310 9.53 4.02 23.73
N PRO A 311 8.25 3.66 23.54
CA PRO A 311 7.85 2.26 23.75
C PRO A 311 8.54 1.28 22.77
N ALA A 312 8.89 0.08 23.24
CA ALA A 312 9.44 -0.94 22.35
C ALA A 312 8.44 -1.33 21.27
N PRO A 313 8.94 -1.72 20.08
CA PRO A 313 7.97 -2.09 19.04
C PRO A 313 7.11 -3.25 19.54
N ALA B 3 6.66 15.23 14.54
CA ALA B 3 6.25 16.17 13.45
C ALA B 3 4.78 15.99 13.01
N MSE B 4 4.50 15.30 11.88
CA MSE B 4 3.23 15.47 11.10
C MSE B 4 1.97 15.83 11.88
O MSE B 4 1.76 15.32 12.99
CB MSE B 4 2.93 14.20 10.27
CG MSE B 4 2.48 14.40 8.79
SE MSE B 4 3.04 12.75 7.69
CE MSE B 4 4.36 12.15 8.84
N LEU B 5 1.07 16.61 11.26
CA LEU B 5 -0.23 16.81 11.93
C LEU B 5 -1.01 15.51 12.03
N HIS B 6 -1.66 15.29 13.16
CA HIS B 6 -2.39 14.04 13.38
C HIS B 6 -3.84 14.30 13.74
N ILE B 7 -4.70 13.52 13.14
CA ILE B 7 -6.12 13.56 13.43
C ILE B 7 -6.45 12.23 14.10
N ASP B 8 -6.98 12.30 15.31
CA ASP B 8 -7.35 11.08 16.04
C ASP B 8 -8.81 10.71 15.94
N ASP B 9 -9.14 9.55 16.52
CA ASP B 9 -10.50 9.02 16.38
C ASP B 9 -11.52 9.97 17.00
N ALA B 10 -11.19 10.57 18.16
CA ALA B 10 -12.06 11.51 18.85
C ALA B 10 -12.30 12.77 18.00
N MSE B 11 -11.28 13.21 17.27
CA MSE B 11 -11.46 14.33 16.37
C MSE B 11 -12.40 14.00 15.22
O MSE B 11 -13.21 14.85 14.86
CB MSE B 11 -10.12 14.89 15.89
CG MSE B 11 -9.33 15.47 17.11
SE MSE B 11 -7.42 15.58 16.70
CE MSE B 11 -7.57 16.71 15.25
N ILE B 12 -12.32 12.80 14.63
CA ILE B 12 -13.24 12.43 13.58
C ILE B 12 -14.68 12.33 14.12
N GLU B 13 -14.83 11.72 15.31
CA GLU B 13 -16.16 11.55 15.93
CA GLU B 13 -16.15 11.57 15.95
C GLU B 13 -16.85 12.92 16.01
N ASP B 14 -16.09 13.95 16.35
CA ASP B 14 -16.64 15.32 16.48
C ASP B 14 -16.71 16.16 15.20
N ALA B 15 -15.95 15.80 14.17
CA ALA B 15 -15.85 16.66 13.00
C ALA B 15 -16.72 16.18 11.88
N VAL B 16 -17.10 14.90 11.94
CA VAL B 16 -17.71 14.27 10.75
C VAL B 16 -19.08 13.74 11.10
N THR B 17 -20.13 14.38 10.62
CA THR B 17 -21.47 13.81 10.83
C THR B 17 -21.74 12.77 9.73
N PRO B 18 -22.72 11.86 9.96
CA PRO B 18 -23.15 10.91 8.92
C PRO B 18 -23.60 11.62 7.62
N GLN B 19 -24.37 12.68 7.78
CA GLN B 19 -24.95 13.40 6.62
C GLN B 19 -23.83 14.01 5.79
N ALA B 20 -22.84 14.61 6.47
CA ALA B 20 -21.72 15.20 5.73
C ALA B 20 -20.91 14.09 5.04
N ALA B 21 -20.74 12.97 5.73
CA ALA B 21 -19.95 11.89 5.18
C ALA B 21 -20.69 11.43 3.90
N GLN B 22 -22.00 11.27 3.99
CA GLN B 22 -22.78 10.84 2.81
C GLN B 22 -22.61 11.84 1.66
N GLU B 23 -22.66 13.15 1.93
CA GLU B 23 -22.53 14.16 0.85
C GLU B 23 -21.16 14.07 0.17
N VAL B 24 -20.14 13.89 1.01
CA VAL B 24 -18.74 13.87 0.52
C VAL B 24 -18.51 12.63 -0.31
N LEU B 25 -19.02 11.52 0.19
CA LEU B 25 -18.87 10.26 -0.52
C LEU B 25 -19.67 10.24 -1.85
N HIS B 26 -20.88 10.82 -1.86
CA HIS B 26 -21.70 10.85 -3.07
C HIS B 26 -20.91 11.64 -4.11
N ALA B 27 -20.36 12.79 -3.71
CA ALA B 27 -19.57 13.56 -4.69
C ALA B 27 -18.31 12.83 -5.20
N ALA B 28 -17.64 12.07 -4.31
CA ALA B 28 -16.42 11.38 -4.68
C ALA B 28 -16.78 10.29 -5.71
N PHE B 29 -17.90 9.59 -5.47
CA PHE B 29 -18.34 8.54 -6.42
C PHE B 29 -18.70 9.12 -7.76
N LEU B 30 -19.35 10.28 -7.78
CA LEU B 30 -19.65 10.90 -9.07
C LEU B 30 -18.37 11.19 -9.86
N ASP B 31 -17.36 11.70 -9.16
CA ASP B 31 -16.05 11.98 -9.77
C ASP B 31 -15.44 10.72 -10.32
N PHE B 32 -15.47 9.66 -9.54
CA PHE B 32 -14.93 8.38 -9.97
C PHE B 32 -15.69 7.92 -11.20
N GLY B 33 -17.02 8.05 -11.16
CA GLY B 33 -17.88 7.71 -12.31
C GLY B 33 -17.58 8.45 -13.58
N ARG B 34 -17.08 9.68 -13.47
CA ARG B 34 -16.72 10.50 -14.61
C ARG B 34 -15.27 10.31 -15.06
N GLY B 35 -14.53 9.48 -14.34
CA GLY B 35 -13.13 9.18 -14.66
C GLY B 35 -12.10 10.19 -14.17
N SER B 36 -12.48 11.11 -13.27
CA SER B 36 -11.57 12.17 -12.82
C SER B 36 -10.97 11.86 -11.46
N ALA B 37 -11.33 10.71 -10.89
CA ALA B 37 -10.67 10.22 -9.67
C ALA B 37 -10.29 8.77 -9.92
N ALA B 38 -9.30 8.28 -9.19
CA ALA B 38 -8.78 6.94 -9.40
C ALA B 38 -8.56 6.28 -8.05
N MSE B 39 -8.58 4.95 -7.99
CA MSE B 39 -8.37 4.23 -6.75
C MSE B 39 -7.29 3.19 -6.91
O MSE B 39 -7.02 2.67 -8.00
CB MSE B 39 -9.63 3.46 -6.28
CG MSE B 39 -10.87 4.24 -6.07
SE MSE B 39 -12.20 2.96 -5.42
CE MSE B 39 -13.80 3.74 -6.30
N GLN B 40 -6.69 2.85 -5.76
CA GLN B 40 -5.84 1.70 -5.66
C GLN B 40 -6.64 0.58 -5.04
N ARG B 41 -6.71 -0.58 -5.72
CA ARG B 41 -7.31 -1.77 -5.15
CA ARG B 41 -7.35 -1.74 -5.15
C ARG B 41 -6.69 -2.08 -3.79
N ARG B 42 -7.45 -2.72 -2.89
CA ARG B 42 -6.84 -3.23 -1.67
C ARG B 42 -5.82 -4.29 -2.00
N VAL B 43 -4.64 -4.16 -1.40
CA VAL B 43 -3.62 -5.20 -1.51
C VAL B 43 -3.26 -5.70 -0.12
N ARG B 44 -3.17 -7.03 0.02
CA ARG B 44 -2.94 -7.67 1.33
C ARG B 44 -1.59 -8.40 1.32
N THR B 45 -0.80 -8.22 2.38
CA THR B 45 0.53 -8.85 2.52
C THR B 45 0.51 -9.50 3.90
N GLU B 46 0.98 -10.75 4.00
CA GLU B 46 0.88 -11.51 5.27
CA GLU B 46 0.91 -11.43 5.28
C GLU B 46 2.16 -12.27 5.58
N ALA B 47 2.62 -12.21 6.84
CA ALA B 47 3.63 -13.12 7.31
C ALA B 47 3.47 -13.32 8.83
N GLY B 48 3.72 -14.55 9.28
CA GLY B 48 3.71 -14.91 10.71
C GLY B 48 2.43 -14.46 11.43
N GLY B 49 1.30 -14.56 10.72
CA GLY B 49 -0.02 -14.20 11.28
C GLY B 49 -0.31 -12.72 11.34
N VAL B 50 0.58 -11.91 10.78
CA VAL B 50 0.36 -10.47 10.73
C VAL B 50 0.06 -10.07 9.29
N LYS B 51 -1.07 -9.41 9.06
CA LYS B 51 -1.40 -8.92 7.73
C LYS B 51 -1.22 -7.42 7.68
N LEU B 52 -0.74 -6.91 6.55
CA LEU B 52 -0.68 -5.49 6.25
C LEU B 52 -1.50 -5.28 4.98
N SER B 53 -2.44 -4.34 5.00
CA SER B 53 -3.26 -4.05 3.84
C SER B 53 -3.10 -2.60 3.46
N THR B 54 -3.18 -2.30 2.16
CA THR B 54 -3.21 -0.93 1.70
C THR B 54 -4.31 -0.76 0.64
N LEU B 55 -4.85 0.45 0.59
CA LEU B 55 -5.80 0.85 -0.48
C LEU B 55 -5.80 2.35 -0.47
N GLY B 56 -6.26 2.99 -1.53
CA GLY B 56 -6.22 4.46 -1.48
C GLY B 56 -6.78 5.05 -2.73
N ALA B 57 -6.48 6.31 -2.99
CA ALA B 57 -7.12 6.99 -4.13
C ALA B 57 -6.44 8.33 -4.39
N VAL B 58 -6.68 8.84 -5.58
CA VAL B 58 -6.24 10.18 -5.96
C VAL B 58 -7.53 10.89 -6.39
N ILE B 59 -7.85 12.01 -5.73
CA ILE B 59 -9.13 12.72 -5.96
C ILE B 59 -8.82 14.21 -6.19
N PRO B 60 -8.31 14.54 -7.40
CA PRO B 60 -7.90 15.93 -7.72
C PRO B 60 -9.03 16.91 -7.46
N GLY B 61 -10.25 16.46 -7.68
CA GLY B 61 -11.43 17.33 -7.55
C GLY B 61 -11.72 17.77 -6.13
N GLN B 62 -11.22 16.99 -5.16
CA GLN B 62 -11.33 17.32 -3.75
C GLN B 62 -9.96 17.71 -3.13
N GLY B 63 -8.96 17.88 -4.00
CA GLY B 63 -7.65 18.42 -3.63
C GLY B 63 -6.78 17.44 -2.85
N VAL B 64 -7.12 16.16 -2.82
CA VAL B 64 -6.35 15.22 -1.98
C VAL B 64 -6.02 13.89 -2.66
N ALA B 65 -5.02 13.22 -2.11
CA ALA B 65 -4.71 11.85 -2.45
C ALA B 65 -4.24 11.19 -1.16
N GLY B 66 -4.31 9.86 -1.12
CA GLY B 66 -3.79 9.20 0.04
C GLY B 66 -4.03 7.72 0.05
N ALA B 67 -3.62 7.10 1.16
CA ALA B 67 -3.77 5.66 1.29
C ALA B 67 -4.16 5.37 2.72
N LYS B 68 -5.00 4.37 2.90
CA LYS B 68 -5.23 3.80 4.22
C LYS B 68 -4.38 2.57 4.34
N VAL B 69 -3.66 2.45 5.45
CA VAL B 69 -2.77 1.32 5.68
C VAL B 69 -3.22 0.72 7.00
N TYR B 70 -3.32 -0.60 7.07
CA TYR B 70 -3.73 -1.19 8.34
C TYR B 70 -3.20 -2.54 8.56
N THR B 71 -2.98 -2.86 9.84
CA THR B 71 -2.64 -4.23 10.19
C THR B 71 -3.88 -5.01 10.58
N THR B 72 -3.80 -6.32 10.38
CA THR B 72 -4.81 -7.26 10.89
C THR B 72 -4.08 -8.36 11.61
N ILE B 73 -4.42 -8.52 12.89
CA ILE B 73 -3.88 -9.60 13.68
C ILE B 73 -5.10 -10.23 14.38
N LYS B 74 -5.31 -11.53 14.12
CA LYS B 74 -6.50 -12.25 14.59
C LYS B 74 -7.79 -11.43 14.36
N GLY B 75 -8.06 -11.03 13.13
CA GLY B 75 -9.29 -10.33 12.82
C GLY B 75 -9.42 -8.90 13.38
N GLN B 76 -8.43 -8.47 14.18
CA GLN B 76 -8.37 -7.11 14.78
C GLN B 76 -7.59 -6.13 13.91
N PHE B 77 -8.15 -4.93 13.70
CA PHE B 77 -7.55 -3.97 12.77
C PHE B 77 -7.01 -2.73 13.49
N GLN B 78 -5.94 -2.16 12.95
CA GLN B 78 -5.45 -0.83 13.36
C GLN B 78 -5.26 -0.02 12.07
N PHE B 79 -6.06 1.03 11.87
CA PHE B 79 -6.07 1.75 10.59
C PHE B 79 -5.43 3.13 10.71
N VAL B 80 -4.62 3.53 9.73
CA VAL B 80 -4.05 4.88 9.66
C VAL B 80 -4.19 5.35 8.22
N ILE B 81 -4.64 6.58 7.99
CA ILE B 81 -4.70 7.11 6.63
C ILE B 81 -3.54 8.08 6.55
N LEU B 82 -2.81 8.02 5.44
CA LEU B 82 -1.81 9.04 5.14
C LEU B 82 -2.41 9.94 4.05
N LEU B 83 -2.61 11.21 4.35
CA LEU B 83 -3.26 12.17 3.45
C LEU B 83 -2.25 13.13 2.86
N PHE B 84 -2.32 13.32 1.55
CA PHE B 84 -1.42 14.23 0.83
C PHE B 84 -2.27 15.28 0.06
N SER B 85 -1.64 16.39 -0.27
CA SER B 85 -2.26 17.41 -1.14
C SER B 85 -2.16 16.98 -2.61
N ALA B 86 -3.28 17.00 -3.35
CA ALA B 86 -3.22 16.79 -4.79
C ALA B 86 -2.70 18.04 -5.52
N ALA B 87 -2.66 19.19 -4.85
CA ALA B 87 -2.16 20.42 -5.46
C ALA B 87 -0.65 20.44 -5.60
N ASP B 88 0.07 20.02 -4.57
CA ASP B 88 1.51 20.11 -4.63
C ASP B 88 2.16 18.82 -4.16
N GLY B 89 1.33 17.83 -3.81
CA GLY B 89 1.87 16.50 -3.49
C GLY B 89 2.35 16.28 -2.07
N ARG B 90 2.33 17.34 -1.24
CA ARG B 90 2.99 17.26 0.06
C ARG B 90 2.14 16.46 1.06
N PRO B 91 2.80 15.78 2.03
CA PRO B 91 2.04 15.05 3.06
C PRO B 91 1.32 16.08 3.94
N LEU B 92 0.05 15.85 4.25
CA LEU B 92 -0.75 16.82 5.05
C LEU B 92 -0.92 16.34 6.49
N ALA B 93 -1.25 15.06 6.65
CA ALA B 93 -1.63 14.55 7.97
C ALA B 93 -1.61 13.06 8.06
N THR B 94 -1.41 12.56 9.28
CA THR B 94 -1.77 11.18 9.59
C THR B 94 -3.14 11.21 10.20
N CYS B 95 -3.91 10.16 10.01
CA CYS B 95 -5.29 10.14 10.51
CA CYS B 95 -5.29 10.12 10.51
C CYS B 95 -5.61 8.77 11.05
N ASP B 96 -5.84 8.65 12.35
CA ASP B 96 -6.36 7.38 12.86
C ASP B 96 -7.68 7.13 12.08
N ALA B 97 -7.95 5.88 11.70
CA ALA B 97 -9.06 5.67 10.76
C ALA B 97 -10.06 4.62 11.22
N GLY B 98 -10.03 4.29 12.52
CA GLY B 98 -11.04 3.36 13.12
C GLY B 98 -12.45 3.93 12.97
N THR B 99 -12.62 5.10 13.58
CA THR B 99 -13.91 5.81 13.51
C THR B 99 -14.26 6.21 12.09
N LEU B 100 -13.27 6.67 11.32
CA LEU B 100 -13.49 7.02 9.91
CA LEU B 100 -13.48 7.03 9.91
C LEU B 100 -14.03 5.86 9.10
N THR B 101 -13.45 4.68 9.31
CA THR B 101 -13.86 3.52 8.58
C THR B 101 -15.32 3.16 8.91
N ARG B 102 -15.63 3.19 10.18
CA ARG B 102 -16.98 2.91 10.67
C ARG B 102 -17.96 3.85 9.97
N LYS B 103 -17.66 5.14 10.02
CA LYS B 103 -18.58 6.14 9.43
C LYS B 103 -18.72 5.98 7.93
N ARG B 104 -17.61 5.73 7.20
CA ARG B 104 -17.73 5.70 5.76
C ARG B 104 -18.48 4.47 5.27
N THR B 105 -18.31 3.32 5.95
CA THR B 105 -18.95 2.13 5.42
C THR B 105 -20.47 2.29 5.50
N ALA B 106 -20.96 2.71 6.68
CA ALA B 106 -22.40 2.94 6.87
C ALA B 106 -22.90 4.05 5.96
N ALA B 107 -22.13 5.15 5.82
CA ALA B 107 -22.54 6.23 4.90
C ALA B 107 -22.74 5.70 3.47
N CYS B 108 -21.83 4.85 2.99
CA CYS B 108 -21.95 4.34 1.61
C CYS B 108 -23.17 3.42 1.49
N THR B 109 -23.41 2.61 2.52
CA THR B 109 -24.62 1.74 2.49
C THR B 109 -25.90 2.61 2.49
N VAL B 110 -25.90 3.72 3.24
CA VAL B 110 -27.05 4.64 3.24
C VAL B 110 -27.24 5.29 1.85
N LEU B 111 -26.14 5.66 1.20
CA LEU B 111 -26.29 6.16 -0.20
C LEU B 111 -26.95 5.12 -1.08
N ALA B 112 -26.49 3.86 -0.99
CA ALA B 112 -27.05 2.79 -1.82
C ALA B 112 -28.51 2.53 -1.47
N ALA B 113 -28.82 2.42 -0.18
CA ALA B 113 -30.22 2.21 0.27
C ALA B 113 -31.15 3.36 -0.15
N GLY B 114 -30.69 4.58 0.03
CA GLY B 114 -31.43 5.77 -0.40
C GLY B 114 -31.81 5.65 -1.86
N ALA B 115 -30.89 5.15 -2.68
CA ALA B 115 -31.19 4.99 -4.12
C ALA B 115 -32.04 3.78 -4.51
N LEU B 116 -31.97 2.72 -3.71
CA LEU B 116 -32.42 1.39 -4.15
C LEU B 116 -33.46 0.69 -3.25
N ALA B 117 -33.57 1.12 -2.00
CA ALA B 117 -34.59 0.56 -1.12
C ALA B 117 -35.93 1.25 -1.32
N ARG B 118 -37.01 0.57 -0.90
CA ARG B 118 -38.32 1.26 -0.96
C ARG B 118 -38.24 2.54 -0.10
N PRO B 119 -38.67 3.69 -0.66
CA PRO B 119 -38.57 4.95 0.13
C PRO B 119 -39.29 4.92 1.48
N ARG B 120 -40.45 4.28 1.54
CA ARG B 120 -41.16 4.18 2.80
C ARG B 120 -40.76 2.94 3.64
N SER B 121 -39.58 2.38 3.39
CA SER B 121 -39.03 1.27 4.19
C SER B 121 -39.17 1.57 5.67
N SER B 122 -39.71 0.60 6.43
CA SER B 122 -39.92 0.83 7.88
C SER B 122 -39.39 -0.28 8.77
N VAL B 123 -39.01 -1.41 8.19
CA VAL B 123 -38.47 -2.53 9.00
C VAL B 123 -37.04 -2.83 8.57
N LEU B 124 -36.10 -2.66 9.50
CA LEU B 124 -34.70 -2.97 9.23
C LEU B 124 -34.35 -4.31 9.88
N GLY B 125 -33.79 -5.20 9.08
CA GLY B 125 -33.24 -6.45 9.61
C GLY B 125 -31.73 -6.30 9.68
N LEU B 126 -31.17 -6.65 10.83
CA LEU B 126 -29.75 -6.47 11.04
C LEU B 126 -29.14 -7.77 11.51
N PHE B 127 -28.15 -8.25 10.76
CA PHE B 127 -27.33 -9.38 11.19
C PHE B 127 -25.99 -8.85 11.68
N GLY B 128 -25.73 -8.96 12.98
CA GLY B 128 -24.54 -8.39 13.55
C GLY B 128 -24.84 -7.10 14.28
N ALA B 129 -24.75 -7.15 15.61
CA ALA B 129 -25.09 -6.00 16.44
C ALA B 129 -23.82 -5.35 16.99
N GLY B 130 -22.68 -5.66 16.38
CA GLY B 130 -21.39 -5.05 16.77
C GLY B 130 -21.24 -3.64 16.23
N THR B 131 -20.00 -3.14 16.28
CA THR B 131 -19.68 -1.77 15.88
CA THR B 131 -19.76 -1.74 15.92
C THR B 131 -20.27 -1.38 14.52
N GLN B 132 -20.00 -2.24 13.55
CA GLN B 132 -20.39 -2.02 12.18
C GLN B 132 -21.91 -2.06 12.04
N GLY B 133 -22.55 -3.11 12.57
CA GLY B 133 -24.03 -3.25 12.44
C GLY B 133 -24.76 -2.11 13.11
N ALA B 134 -24.26 -1.70 14.28
CA ALA B 134 -24.90 -0.62 15.06
C ALA B 134 -24.82 0.74 14.35
N GLU B 135 -23.67 1.03 13.75
CA GLU B 135 -23.50 2.27 12.98
C GLU B 135 -24.43 2.27 11.74
N HIS B 136 -24.57 1.12 11.11
CA HIS B 136 -25.52 1.02 9.99
C HIS B 136 -26.94 1.27 10.46
N ALA B 137 -27.30 0.69 11.59
CA ALA B 137 -28.65 0.90 12.07
C ALA B 137 -28.88 2.38 12.39
N ALA B 138 -27.89 3.03 13.01
CA ALA B 138 -28.04 4.42 13.39
C ALA B 138 -28.22 5.31 12.17
N GLN B 139 -27.31 5.14 11.19
CA GLN B 139 -27.39 6.03 10.02
C GLN B 139 -28.65 5.72 9.18
N LEU B 140 -29.06 4.44 9.09
CA LEU B 140 -30.30 4.12 8.37
C LEU B 140 -31.54 4.66 9.09
N SER B 141 -31.51 4.68 10.42
CA SER B 141 -32.65 5.20 11.22
C SER B 141 -32.83 6.67 10.98
N ALA B 142 -31.76 7.36 10.59
CA ALA B 142 -31.86 8.79 10.29
C ALA B 142 -32.39 9.02 8.87
N ARG B 143 -32.11 8.09 7.97
CA ARG B 143 -32.44 8.23 6.58
C ARG B 143 -33.86 7.78 6.25
N PHE B 144 -34.34 6.77 6.98
CA PHE B 144 -35.67 6.18 6.75
C PHE B 144 -36.51 6.29 8.00
N ALA B 145 -37.83 6.26 7.80
CA ALA B 145 -38.80 6.31 8.92
C ALA B 145 -39.00 4.91 9.46
N LEU B 146 -38.05 4.44 10.26
CA LEU B 146 -38.08 3.06 10.72
C LEU B 146 -39.02 2.91 11.90
N GLU B 147 -39.73 1.81 11.90
CA GLU B 147 -40.64 1.47 12.99
C GLU B 147 -40.17 0.28 13.83
N ALA B 148 -39.25 -0.51 13.28
CA ALA B 148 -38.72 -1.68 13.98
C ALA B 148 -37.34 -2.05 13.45
N ILE B 149 -36.47 -2.48 14.35
CA ILE B 149 -35.20 -3.06 13.98
C ILE B 149 -35.22 -4.50 14.51
N LEU B 150 -35.07 -5.46 13.59
CA LEU B 150 -35.08 -6.88 13.97
C LEU B 150 -33.64 -7.38 13.89
N VAL B 151 -33.12 -7.91 14.99
CA VAL B 151 -31.70 -8.16 15.09
C VAL B 151 -31.43 -9.66 15.38
N HIS B 152 -30.46 -10.19 14.64
CA HIS B 152 -29.86 -11.50 14.98
C HIS B 152 -28.36 -11.36 15.13
N ASP B 153 -27.85 -11.76 16.29
CA ASP B 153 -26.41 -11.79 16.51
C ASP B 153 -26.24 -12.87 17.57
N PRO B 154 -25.62 -14.00 17.19
CA PRO B 154 -25.63 -15.21 18.05
C PRO B 154 -24.83 -15.02 19.34
N TYR B 155 -23.98 -14.00 19.35
CA TYR B 155 -23.06 -13.75 20.46
C TYR B 155 -23.43 -12.56 21.35
N ALA B 156 -24.32 -11.69 20.87
CA ALA B 156 -24.60 -10.44 21.56
C ALA B 156 -25.47 -10.62 22.80
N SER B 157 -25.23 -9.80 23.82
CA SER B 157 -26.05 -9.77 25.04
C SER B 157 -27.26 -8.85 24.84
N PRO B 158 -28.27 -8.94 25.74
CA PRO B 158 -29.49 -8.12 25.66
C PRO B 158 -29.19 -6.62 25.67
N GLU B 159 -28.20 -6.23 26.48
CA GLU B 159 -27.72 -4.84 26.54
C GLU B 159 -27.33 -4.21 25.19
N ILE B 160 -26.67 -4.99 24.34
CA ILE B 160 -26.25 -4.48 23.03
C ILE B 160 -27.49 -4.05 22.25
N LEU B 161 -28.57 -4.83 22.37
CA LEU B 161 -29.81 -4.58 21.62
C LEU B 161 -30.46 -3.32 22.17
N GLU B 162 -30.53 -3.21 23.51
CA GLU B 162 -31.10 -2.03 24.17
C GLU B 162 -30.37 -0.75 23.76
N ARG B 163 -29.05 -0.84 23.60
CA ARG B 163 -28.23 0.32 23.20
CA ARG B 163 -28.23 0.32 23.20
C ARG B 163 -28.54 0.75 21.77
N ILE B 164 -28.69 -0.22 20.88
CA ILE B 164 -29.10 0.03 19.51
C ILE B 164 -30.48 0.74 19.45
N GLY B 165 -31.47 0.21 20.15
CA GLY B 165 -32.79 0.87 20.19
C GLY B 165 -32.74 2.31 20.66
N ARG B 166 -31.98 2.56 21.70
CA ARG B 166 -31.83 3.88 22.30
C ARG B 166 -31.11 4.82 21.32
N ARG B 167 -30.01 4.36 20.73
CA ARG B 167 -29.24 5.18 19.79
C ARG B 167 -30.08 5.52 18.58
N CYS B 168 -30.87 4.56 18.12
CA CYS B 168 -31.65 4.77 16.90
C CYS B 168 -32.97 5.47 17.09
N GLY B 169 -33.51 5.39 18.31
CA GLY B 169 -34.83 5.90 18.65
C GLY B 169 -35.91 5.05 18.00
N VAL B 170 -35.60 3.76 17.79
CA VAL B 170 -36.54 2.81 17.13
C VAL B 170 -36.54 1.53 17.97
N PRO B 171 -37.74 0.94 18.27
CA PRO B 171 -37.80 -0.31 19.02
C PRO B 171 -36.97 -1.38 18.32
N ALA B 172 -36.06 -2.00 19.05
CA ALA B 172 -35.23 -3.08 18.49
C ALA B 172 -35.50 -4.38 19.25
N ARG B 173 -35.63 -5.48 18.52
CA ARG B 173 -35.83 -6.77 19.20
C ARG B 173 -35.05 -7.88 18.53
N MSE B 174 -34.77 -8.92 19.30
CA MSE B 174 -34.17 -10.13 18.76
C MSE B 174 -35.18 -10.83 17.83
O MSE B 174 -36.38 -10.81 18.09
CB MSE B 174 -33.87 -11.06 19.92
CG MSE B 174 -32.55 -11.68 19.84
SE MSE B 174 -32.30 -12.81 21.42
CE MSE B 174 -32.95 -11.57 22.77
N ALA B 175 -34.69 -11.42 16.74
CA ALA B 175 -35.55 -12.16 15.80
C ALA B 175 -34.77 -13.26 15.11
N ALA B 176 -35.45 -14.35 14.75
CA ALA B 176 -34.84 -15.44 14.00
C ALA B 176 -34.48 -15.00 12.58
N PRO B 177 -33.33 -15.47 12.04
CA PRO B 177 -32.90 -15.13 10.67
C PRO B 177 -34.02 -15.25 9.62
N ALA B 178 -34.84 -16.30 9.71
CA ALA B 178 -35.88 -16.53 8.68
C ALA B 178 -36.97 -15.47 8.79
N ASP B 179 -37.25 -15.05 10.02
CA ASP B 179 -38.27 -14.04 10.28
C ASP B 179 -37.76 -12.66 9.87
N ILE B 180 -36.47 -12.40 10.11
CA ILE B 180 -35.88 -11.16 9.67
C ILE B 180 -36.01 -11.06 8.16
N ALA B 181 -35.58 -12.11 7.45
CA ALA B 181 -35.60 -12.09 5.99
C ALA B 181 -37.02 -11.90 5.49
N ALA B 182 -37.98 -12.56 6.14
CA ALA B 182 -39.38 -12.49 5.72
C ALA B 182 -40.01 -11.11 5.90
N GLN B 183 -39.56 -10.37 6.92
CA GLN B 183 -40.24 -9.14 7.34
C GLN B 183 -39.57 -7.82 6.97
N ALA B 184 -38.27 -7.84 6.73
CA ALA B 184 -37.48 -6.61 6.53
C ALA B 184 -37.62 -5.97 5.14
N ASP B 185 -37.74 -4.63 5.14
CA ASP B 185 -37.63 -3.81 3.92
C ASP B 185 -36.17 -3.60 3.52
N ILE B 186 -35.30 -3.60 4.53
CA ILE B 186 -33.85 -3.41 4.32
C ILE B 186 -33.20 -4.43 5.23
N VAL B 187 -32.24 -5.19 4.66
CA VAL B 187 -31.46 -6.16 5.44
C VAL B 187 -30.00 -5.72 5.35
N VAL B 188 -29.32 -5.68 6.49
CA VAL B 188 -27.90 -5.38 6.51
C VAL B 188 -27.20 -6.58 7.13
N THR B 189 -26.16 -7.10 6.47
CA THR B 189 -25.39 -8.22 7.07
C THR B 189 -24.04 -7.67 7.40
N ALA B 190 -23.71 -7.67 8.70
CA ALA B 190 -22.51 -7.01 9.17
C ALA B 190 -21.77 -8.01 10.08
N THR B 191 -21.44 -9.17 9.54
CA THR B 191 -20.81 -10.23 10.35
C THR B 191 -19.51 -10.75 9.78
N ARG B 192 -18.83 -11.61 10.55
CA ARG B 192 -17.67 -12.35 10.05
CA ARG B 192 -17.68 -12.35 10.03
C ARG B 192 -18.00 -13.81 9.69
N SER B 193 -19.29 -14.13 9.53
CA SER B 193 -19.73 -15.46 9.10
CA SER B 193 -19.71 -15.46 9.11
C SER B 193 -19.04 -15.86 7.80
N THR B 194 -18.65 -17.13 7.70
CA THR B 194 -18.03 -17.61 6.49
C THR B 194 -19.07 -18.15 5.54
N THR B 195 -20.29 -18.40 6.06
CA THR B 195 -21.36 -19.05 5.30
C THR B 195 -22.67 -18.28 5.38
N PRO B 196 -23.61 -18.52 4.44
CA PRO B 196 -24.82 -17.67 4.38
C PRO B 196 -25.63 -17.61 5.70
N LEU B 197 -26.16 -16.45 6.01
CA LEU B 197 -26.88 -16.19 7.26
C LEU B 197 -28.35 -16.56 7.23
N PHE B 198 -28.93 -16.61 6.04
CA PHE B 198 -30.34 -16.93 5.89
C PHE B 198 -30.54 -17.49 4.50
N ALA B 199 -31.70 -18.09 4.28
CA ALA B 199 -32.05 -18.68 2.99
C ALA B 199 -32.51 -17.56 2.07
N GLY B 200 -31.89 -17.43 0.89
CA GLY B 200 -32.29 -16.39 -0.06
C GLY B 200 -33.75 -16.48 -0.47
N GLN B 201 -34.34 -17.67 -0.30
CA GLN B 201 -35.76 -17.89 -0.63
C GLN B 201 -36.67 -17.15 0.35
N ALA B 202 -36.17 -16.88 1.55
CA ALA B 202 -36.94 -16.19 2.59
C ALA B 202 -37.09 -14.70 2.40
N LEU B 203 -36.26 -14.09 1.55
CA LEU B 203 -36.26 -12.62 1.41
C LEU B 203 -37.60 -12.09 0.96
N ARG B 204 -38.03 -10.98 1.56
CA ARG B 204 -39.28 -10.38 1.16
C ARG B 204 -39.13 -9.75 -0.22
N ALA B 205 -40.16 -9.87 -1.06
CA ALA B 205 -40.19 -9.11 -2.32
C ALA B 205 -39.99 -7.64 -2.01
N GLY B 206 -39.16 -7.02 -2.84
CA GLY B 206 -38.86 -5.60 -2.72
C GLY B 206 -37.62 -5.27 -1.89
N ALA B 207 -37.07 -6.24 -1.18
CA ALA B 207 -36.04 -5.99 -0.20
C ALA B 207 -34.77 -5.39 -0.82
N PHE B 208 -34.10 -4.53 -0.04
CA PHE B 208 -32.76 -4.06 -0.37
C PHE B 208 -31.86 -4.76 0.63
N VAL B 209 -30.77 -5.35 0.16
CA VAL B 209 -29.90 -6.10 1.04
C VAL B 209 -28.51 -5.49 0.91
N GLY B 210 -27.98 -5.00 2.02
CA GLY B 210 -26.64 -4.40 2.10
C GLY B 210 -25.75 -5.46 2.73
N ALA B 211 -25.00 -6.18 1.90
CA ALA B 211 -24.11 -7.23 2.40
C ALA B 211 -22.74 -6.60 2.65
N ILE B 212 -22.41 -6.39 3.93
CA ILE B 212 -21.26 -5.57 4.29
C ILE B 212 -20.08 -6.35 4.90
N GLY B 213 -20.35 -7.49 5.50
CA GLY B 213 -19.37 -8.14 6.38
C GLY B 213 -18.16 -8.78 5.74
N SER B 214 -18.34 -9.40 4.57
CA SER B 214 -17.27 -10.19 3.94
C SER B 214 -16.47 -9.43 2.91
N SER B 215 -15.15 -9.53 3.00
CA SER B 215 -14.29 -9.05 1.91
C SER B 215 -13.19 -10.07 1.65
N LEU B 216 -13.47 -11.32 1.96
CA LEU B 216 -12.55 -12.42 1.62
C LEU B 216 -13.17 -13.26 0.52
N PRO B 217 -12.35 -13.72 -0.45
CA PRO B 217 -12.95 -14.46 -1.59
C PRO B 217 -13.50 -15.84 -1.23
N HIS B 218 -13.24 -16.30 0.00
CA HIS B 218 -13.71 -17.64 0.38
C HIS B 218 -14.86 -17.60 1.38
N THR B 219 -15.32 -16.40 1.74
CA THR B 219 -16.47 -16.30 2.67
C THR B 219 -17.66 -15.63 1.98
N ARG B 220 -18.87 -16.04 2.35
CA ARG B 220 -20.09 -15.41 1.82
C ARG B 220 -21.15 -15.26 2.91
N GLU B 221 -21.84 -14.12 2.90
CA GLU B 221 -22.97 -13.92 3.82
C GLU B 221 -24.30 -14.22 3.16
N LEU B 222 -24.34 -14.21 1.83
CA LEU B 222 -25.58 -14.48 1.09
C LEU B 222 -25.47 -15.78 0.32
N ASP B 223 -26.60 -16.41 0.04
CA ASP B 223 -26.55 -17.64 -0.73
C ASP B 223 -26.89 -17.43 -2.19
N ASP B 224 -26.66 -18.47 -2.99
CA ASP B 224 -26.91 -18.40 -4.42
C ASP B 224 -28.34 -18.02 -4.76
N GLU B 225 -29.33 -18.53 -4.01
CA GLU B 225 -30.72 -18.15 -4.27
C GLU B 225 -30.93 -16.63 -4.17
N ALA B 226 -30.31 -15.99 -3.17
CA ALA B 226 -30.40 -14.52 -3.04
C ALA B 226 -29.90 -13.85 -4.31
N LEU B 227 -28.73 -14.26 -4.80
CA LEU B 227 -28.17 -13.67 -6.02
C LEU B 227 -29.02 -13.93 -7.26
N ARG B 228 -29.59 -15.12 -7.33
CA ARG B 228 -30.47 -15.45 -8.42
C ARG B 228 -31.71 -14.55 -8.41
N ARG B 229 -32.35 -14.40 -7.24
CA ARG B 229 -33.57 -13.63 -7.14
C ARG B 229 -33.35 -12.16 -7.44
N ALA B 230 -32.14 -11.67 -7.15
CA ALA B 230 -31.86 -10.23 -7.18
C ALA B 230 -31.95 -9.73 -8.62
N ARG B 231 -32.56 -8.56 -8.78
CA ARG B 231 -32.56 -7.89 -10.09
C ARG B 231 -31.19 -7.32 -10.51
N ALA B 232 -30.47 -6.77 -9.51
CA ALA B 232 -29.20 -6.07 -9.69
C ALA B 232 -28.36 -6.31 -8.44
N VAL B 233 -27.05 -6.40 -8.65
CA VAL B 233 -26.08 -6.49 -7.57
C VAL B 233 -25.19 -5.28 -7.74
N VAL B 234 -25.24 -4.35 -6.78
CA VAL B 234 -24.56 -3.09 -6.93
C VAL B 234 -23.23 -3.18 -6.18
N VAL B 235 -22.16 -2.75 -6.81
CA VAL B 235 -20.83 -2.82 -6.19
C VAL B 235 -20.13 -1.49 -6.22
N GLU B 236 -19.18 -1.29 -5.30
CA GLU B 236 -18.42 -0.02 -5.27
C GLU B 236 -17.49 0.15 -6.46
N TRP B 237 -16.86 -0.95 -6.91
CA TRP B 237 -15.90 -0.84 -8.02
C TRP B 237 -15.71 -2.26 -8.56
N ARG B 238 -16.11 -2.50 -9.80
CA ARG B 238 -16.15 -3.90 -10.25
C ARG B 238 -14.79 -4.60 -10.08
N GLU B 239 -13.71 -3.88 -10.39
CA GLU B 239 -12.39 -4.47 -10.39
C GLU B 239 -12.01 -5.07 -9.02
N GLN B 240 -12.31 -4.35 -7.96
CA GLN B 240 -11.98 -4.86 -6.64
C GLN B 240 -13.05 -5.84 -6.14
N THR B 241 -14.32 -5.42 -6.19
CA THR B 241 -15.37 -6.21 -5.57
C THR B 241 -15.47 -7.61 -6.14
N LEU B 242 -15.34 -7.70 -7.45
CA LEU B 242 -15.52 -8.98 -8.09
C LEU B 242 -14.35 -9.95 -7.83
N SER B 243 -13.26 -9.41 -7.29
CA SER B 243 -12.10 -10.23 -6.97
CA SER B 243 -12.05 -10.17 -6.95
C SER B 243 -12.09 -10.63 -5.49
N GLU B 244 -12.55 -9.74 -4.63
CA GLU B 244 -12.50 -9.91 -3.20
C GLU B 244 -13.70 -10.58 -2.56
N ALA B 245 -14.89 -10.26 -3.07
CA ALA B 245 -16.11 -10.66 -2.36
C ALA B 245 -16.46 -12.12 -2.66
N GLY B 246 -16.26 -13.00 -1.69
CA GLY B 246 -16.64 -14.42 -1.88
C GLY B 246 -18.09 -14.61 -2.27
N ASP B 247 -18.98 -13.74 -1.80
CA ASP B 247 -20.41 -13.72 -2.21
C ASP B 247 -20.58 -13.66 -3.72
N LEU B 248 -19.58 -13.09 -4.39
CA LEU B 248 -19.62 -13.00 -5.85
C LEU B 248 -18.68 -14.02 -6.50
N VAL B 249 -17.47 -14.12 -5.98
CA VAL B 249 -16.48 -15.09 -6.48
C VAL B 249 -17.05 -16.53 -6.49
N LEU B 250 -17.80 -16.87 -5.45
CA LEU B 250 -18.32 -18.26 -5.29
C LEU B 250 -19.70 -18.48 -5.90
N ALA B 251 -20.28 -17.46 -6.51
CA ALA B 251 -21.59 -17.58 -7.18
C ALA B 251 -21.59 -18.59 -8.33
N ALA B 252 -22.66 -19.38 -8.44
CA ALA B 252 -22.80 -20.31 -9.57
C ALA B 252 -23.15 -19.51 -10.82
N PRO B 253 -22.76 -19.99 -12.03
CA PRO B 253 -23.06 -19.22 -13.25
C PRO B 253 -24.56 -19.04 -13.38
N ASP B 254 -25.25 -20.07 -12.89
CA ASP B 254 -26.68 -20.16 -12.61
C ASP B 254 -27.38 -18.88 -12.11
N THR B 255 -26.66 -18.10 -11.32
CA THR B 255 -27.23 -16.94 -10.67
C THR B 255 -27.43 -15.78 -11.64
N GLY B 256 -26.82 -15.87 -12.82
CA GLY B 256 -26.83 -14.78 -13.80
C GLY B 256 -26.12 -13.53 -13.28
N LEU B 257 -25.12 -13.72 -12.43
CA LEU B 257 -24.52 -12.60 -11.69
C LEU B 257 -23.85 -11.61 -12.63
N ASP B 258 -23.12 -12.13 -13.62
CA ASP B 258 -22.34 -11.30 -14.55
C ASP B 258 -23.13 -10.13 -15.08
N ALA B 259 -24.27 -10.45 -15.70
CA ALA B 259 -25.12 -9.47 -16.37
C ALA B 259 -25.86 -8.51 -15.45
N LYS B 260 -25.93 -8.83 -14.15
CA LYS B 260 -26.65 -7.95 -13.24
C LYS B 260 -25.78 -7.05 -12.34
N VAL B 261 -24.46 -7.12 -12.51
CA VAL B 261 -23.56 -6.26 -11.68
C VAL B 261 -23.64 -4.82 -12.20
N VAL B 262 -23.80 -3.87 -11.28
CA VAL B 262 -23.96 -2.46 -11.59
CA VAL B 262 -23.79 -2.48 -11.68
C VAL B 262 -22.98 -1.72 -10.66
N GLU B 263 -22.36 -0.63 -11.11
CA GLU B 263 -21.48 0.15 -10.23
C GLU B 263 -22.24 1.25 -9.52
N LEU B 264 -21.86 1.42 -8.27
CA LEU B 264 -22.46 2.42 -7.37
C LEU B 264 -22.46 3.83 -7.94
N ALA B 265 -21.36 4.25 -8.58
CA ALA B 265 -21.33 5.57 -9.21
C ALA B 265 -22.46 5.73 -10.25
N ASP B 266 -22.74 4.71 -11.04
CA ASP B 266 -23.84 4.79 -12.04
C ASP B 266 -25.22 4.87 -11.40
N VAL B 267 -25.44 4.14 -10.31
CA VAL B 267 -26.65 4.31 -9.47
C VAL B 267 -26.81 5.76 -8.96
N LEU B 268 -25.77 6.29 -8.31
CA LEU B 268 -25.82 7.65 -7.74
C LEU B 268 -25.94 8.72 -8.81
N ALA B 269 -25.38 8.50 -10.00
CA ALA B 269 -25.53 9.45 -11.10
C ALA B 269 -26.89 9.39 -11.81
N GLY B 270 -27.75 8.46 -11.43
CA GLY B 270 -29.03 8.27 -12.11
C GLY B 270 -28.89 7.75 -13.53
N ARG B 271 -27.82 6.99 -13.80
CA ARG B 271 -27.65 6.31 -15.09
C ARG B 271 -28.12 4.85 -15.14
N ALA B 272 -28.19 4.20 -14.00
CA ALA B 272 -28.43 2.75 -13.88
C ALA B 272 -29.89 2.22 -13.93
N ALA B 273 -30.88 2.97 -13.42
CA ALA B 273 -32.25 2.46 -13.29
C ALA B 273 -32.28 0.99 -12.81
N ALA B 274 -31.55 0.68 -11.73
CA ALA B 274 -31.34 -0.72 -11.28
C ALA B 274 -32.62 -1.43 -10.85
N ARG B 275 -33.51 -0.71 -10.17
CA ARG B 275 -34.80 -1.29 -9.75
C ARG B 275 -35.82 -1.20 -10.88
N GLN B 276 -36.23 -2.37 -11.44
CA GLN B 276 -37.20 -2.46 -12.56
C GLN B 276 -38.65 -2.71 -12.12
N ALA B 277 -38.87 -2.89 -10.81
CA ALA B 277 -40.19 -3.29 -10.27
C ALA B 277 -40.17 -3.21 -8.73
N ASP B 278 -41.34 -3.01 -8.11
CA ASP B 278 -41.43 -2.91 -6.64
C ASP B 278 -41.04 -4.19 -5.97
N GLU B 279 -41.37 -5.27 -6.63
CA GLU B 279 -41.09 -6.62 -6.17
CA GLU B 279 -41.09 -6.60 -6.16
C GLU B 279 -39.60 -6.92 -6.21
N ASP B 280 -38.83 -6.09 -6.92
CA ASP B 280 -37.42 -6.41 -7.14
C ASP B 280 -36.66 -6.49 -5.84
N ILE B 281 -35.82 -7.51 -5.74
CA ILE B 281 -34.78 -7.52 -4.72
C ILE B 281 -33.50 -6.88 -5.32
N VAL B 282 -32.82 -6.05 -4.55
CA VAL B 282 -31.59 -5.42 -5.03
C VAL B 282 -30.56 -5.68 -3.98
N ILE B 283 -29.39 -6.15 -4.38
CA ILE B 283 -28.31 -6.38 -3.41
C ILE B 283 -27.20 -5.34 -3.58
N TYR B 284 -26.73 -4.75 -2.48
CA TYR B 284 -25.52 -3.93 -2.52
C TYR B 284 -24.44 -4.74 -1.80
N LYS B 285 -23.36 -5.07 -2.50
CA LYS B 285 -22.25 -5.82 -1.89
C LYS B 285 -21.12 -4.82 -1.64
N SER B 286 -20.77 -4.63 -0.38
CA SER B 286 -19.79 -3.64 0.02
C SER B 286 -18.52 -4.38 0.47
N VAL B 287 -17.36 -3.90 0.06
CA VAL B 287 -16.06 -4.42 0.59
C VAL B 287 -15.20 -3.33 1.21
N GLY B 288 -15.53 -2.07 0.91
CA GLY B 288 -14.73 -0.92 1.32
C GLY B 288 -13.66 -0.64 0.27
N VAL B 289 -13.63 0.60 -0.21
CA VAL B 289 -12.69 0.98 -1.25
C VAL B 289 -12.04 2.31 -0.90
N GLY B 290 -10.85 2.49 -1.48
CA GLY B 290 -9.96 3.54 -1.01
C GLY B 290 -10.47 4.92 -1.33
N LEU B 291 -11.30 5.06 -2.37
CA LEU B 291 -11.96 6.34 -2.61
C LEU B 291 -12.66 6.92 -1.34
N GLU B 292 -13.27 6.06 -0.53
CA GLU B 292 -14.14 6.46 0.55
C GLU B 292 -13.26 7.02 1.67
N ASP B 293 -12.14 6.34 1.87
CA ASP B 293 -11.22 6.67 2.98
C ASP B 293 -10.59 8.03 2.76
N VAL B 294 -10.10 8.22 1.55
CA VAL B 294 -9.39 9.41 1.14
C VAL B 294 -10.34 10.62 1.16
N ALA B 295 -11.52 10.42 0.60
CA ALA B 295 -12.50 11.53 0.50
C ALA B 295 -12.90 11.97 1.90
N LEU B 296 -13.19 11.01 2.79
CA LEU B 296 -13.60 11.41 4.13
C LEU B 296 -12.45 12.00 4.95
N ALA B 297 -11.25 11.46 4.78
CA ALA B 297 -10.07 12.04 5.51
C ALA B 297 -9.84 13.46 5.02
N GLY B 298 -10.03 13.70 3.72
CA GLY B 298 -9.78 15.07 3.20
C GLY B 298 -10.80 16.04 3.74
N TYR B 299 -12.06 15.59 3.83
CA TYR B 299 -13.13 16.42 4.38
C TYR B 299 -12.78 16.79 5.82
N ALA B 300 -12.38 15.78 6.60
CA ALA B 300 -12.07 15.98 8.03
C ALA B 300 -10.89 16.93 8.16
N TYR B 301 -9.84 16.69 7.37
CA TYR B 301 -8.68 17.61 7.39
C TYR B 301 -9.10 19.05 7.10
N ARG B 302 -9.90 19.24 6.06
CA ARG B 302 -10.24 20.61 5.69
C ARG B 302 -11.04 21.30 6.79
N ARG B 303 -11.95 20.54 7.38
CA ARG B 303 -12.81 21.07 8.42
C ARG B 303 -12.00 21.40 9.69
N LEU B 304 -11.11 20.50 10.09
CA LEU B 304 -10.30 20.74 11.29
C LEU B 304 -9.27 21.85 11.02
N ALA B 305 -8.75 21.89 9.81
CA ALA B 305 -7.76 22.91 9.45
C ALA B 305 -8.37 24.29 9.50
N ALA B 306 -9.62 24.43 9.08
CA ALA B 306 -10.30 25.73 9.16
C ALA B 306 -10.49 26.14 10.61
N GLN B 307 -10.85 25.17 11.45
CA GLN B 307 -11.04 25.42 12.87
C GLN B 307 -9.75 25.72 13.61
N ARG B 308 -8.66 25.04 13.28
CA ARG B 308 -7.45 25.15 14.10
C ARG B 308 -6.31 25.94 13.51
N GLY B 309 -6.48 26.50 12.33
CA GLY B 309 -5.42 27.27 11.69
C GLY B 309 -4.37 26.45 10.97
N TRP B 310 -4.68 25.19 10.63
CA TRP B 310 -3.70 24.37 9.92
C TRP B 310 -3.56 24.81 8.46
N PRO B 311 -2.45 24.44 7.77
CA PRO B 311 -2.36 24.89 6.37
C PRO B 311 -3.45 24.28 5.45
N ALA B 312 -3.87 25.03 4.44
CA ALA B 312 -4.84 24.56 3.46
C ALA B 312 -4.26 23.38 2.67
N PRO B 313 -5.09 22.42 2.22
CA PRO B 313 -4.55 21.39 1.31
C PRO B 313 -4.06 22.00 0.00
CL CL C . 25.97 -16.28 -5.23
CL CL D . 2.09 -7.69 -3.69
CL CL E . 39.75 -12.03 -6.25
CL CL F . 18.98 -0.55 -16.60
C1 GOL G . 14.99 -17.37 -9.87
O1 GOL G . 14.82 -17.10 -8.50
C2 GOL G . 14.53 -16.18 -10.71
O2 GOL G . 13.27 -15.72 -10.23
C3 GOL G . 14.39 -16.61 -12.17
O3 GOL G . 13.82 -15.57 -12.92
C1 GOL H . 14.70 2.14 -9.24
O1 GOL H . 15.85 2.53 -8.51
C2 GOL H . 15.12 1.76 -10.65
O2 GOL H . 16.40 1.15 -10.63
C3 GOL H . 14.07 0.88 -11.29
O3 GOL H . 14.47 0.59 -12.61
N1 IMD I . 17.88 -6.95 12.13
C2 IMD I . 19.09 -7.53 11.98
N3 IMD I . 19.89 -7.07 12.97
C4 IMD I . 19.18 -6.20 13.75
C5 IMD I . 17.91 -6.10 13.20
CL CL J . -11.41 -1.08 4.83
CL CL K . -9.17 3.68 -10.94
CL CL L . -42.42 3.94 -1.00
N1 IMD M . -35.32 -0.38 -15.32
C2 IMD M . -36.52 -0.74 -15.84
N3 IMD M . -37.50 -0.07 -15.20
C4 IMD M . -36.93 0.70 -14.23
C5 IMD M . -35.56 0.50 -14.32
N1 IMD N . -33.45 -17.78 16.98
C2 IMD N . -34.39 -16.89 17.36
N3 IMD N . -33.78 -15.79 17.86
C4 IMD N . -32.45 -16.01 17.81
C5 IMD N . -32.23 -17.25 17.25
#